data_7S5Q
#
_entry.id   7S5Q
#
_cell.length_a   89.637
_cell.length_b   120.970
_cell.length_c   137.987
_cell.angle_alpha   90.000
_cell.angle_beta   90.000
_cell.angle_gamma   90.000
#
_symmetry.space_group_name_H-M   'P 21 21 21'
#
loop_
_entity.id
_entity.type
_entity.pdbx_description
1 polymer 'Spike protein S1'
2 polymer 'CS44 Heavy chain'
3 polymer 'CS44 Light chain'
4 polymer 'COVA1-16 Heavy chain'
5 polymer 'COVA1-16 Light chain'
6 non-polymer 2-acetamido-2-deoxy-beta-D-glucopyranose
7 non-polymer 1,2-ETHANEDIOL
8 non-polymer 'SULFATE ION'
9 water water
#
loop_
_entity_poly.entity_id
_entity_poly.type
_entity_poly.pdbx_seq_one_letter_code
_entity_poly.pdbx_strand_id
1 'polypeptide(L)'
;RVQPTESIVRFPNITNLCPFGEVFNATRFASVYAWNRKRISNCVADYSVLYNSASFSTFKCYGVSPTKLNDLCFTNVYAD
SFVIRGDEVRQIAPGQTGNIADYNYKLPDDFTGCVIAWNSNNLDSKVGGNYNYLYRLFRKSNLKPFERDISTEIYQAGST
PCNGVKGFNCYFPLQSYGFQPTYGVGYQPYRVVVLSFELLHAPATVCGPKKSTNLVKNKCVNFSGHHHHHH
;
A
2 'polypeptide(L)'
;QVQLVQSGPEVKKPGTSVKVSCKASGITFTSSAVQWVRQARGQRLEWIGWIVVGSGNTNYAQKFQERVTITRDMSTSTAY
MELSSLRSEDTAVYYCAAPYCSGGTCHDGFDIWGQGTMVTVSSASTKGPSVFPLAPSSKSTSGGTAALGCLVKDYFPEPV
TVSWNSGALTSGVHTFPAVLQSSGLYSLSSVVTVPSSSLGTQTYICNVNHKPSNTKVDKRVEPKSC
;
B
3 'polypeptide(L)'
;EIVLTQSPGTLSLSPGERATLSCRASQSVSSSYLAWYQQKPGQAPRLLIYGASSRATGIPDRFSGSGSGTDFTLTISRLE
PEDFAVYYCQQYGSSPWTFGQGTKVEIKRTVAAPSVFIFPPSDEQLKSGTASVVCLLNNFYPREAKVQWKVDNALQSGNS
QESVTEQDSKDSTYSLSSTLTLSKADYEKHKVYACEVTHQGLSSPVTKSFNRGEC
;
C
4 'polypeptide(L)'
;QVQLVQSGAEVKKPGASVKVSCKASGYTFTSYYMHWVRQAPGQGLEWMGIINSSGGSTSYAQKFQGRVTMTRDTSTSTVY
MELSSLRSEDTAVYYCARPPRNYYDRSGYYQRAEYFQHWGQGTLVTVSSASTKGPSVFPLAPSSKSTSGGTAALGCLVKD
YFPEPVTVSWNSGALTSGVHTFPAVLQSSGLYSLSSVVTVPSSSLGTQTYICNVNHKPSNTKVDKRVEPKSC
;
H
5 'polypeptide(L)'
;DIQLTQSPSSLSASVGDRVTITCQASQDISNYLNWYQQRPGKAPKLLIYDASNLETGVPSRFSGSGSGTDFTFTISSLQP
EDIATYYCQQYDNPPLTFGGGTKLEIKRTVAAPSVFIFPPSDEQLKSGTASVVCLLNNFYPREAKVQWKVDNALQSGNSQ
ESVTEQDSKDSTYSLSSTLTLSKADYEKHKVYACEVTHQGLSSPVTKSFNRGEC
;
L
#
loop_
_chem_comp.id
_chem_comp.type
_chem_comp.name
_chem_comp.formula
EDO non-polymer 1,2-ETHANEDIOL 'C2 H6 O2'
NAG D-saccharide, beta linking 2-acetamido-2-deoxy-beta-D-glucopyranose 'C8 H15 N O6'
SO4 non-polymer 'SULFATE ION' 'O4 S -2'
#
# COMPACT_ATOMS: atom_id res chain seq x y z
N ILE A 14 57.89 4.10 -16.80
CA ILE A 14 57.78 5.15 -17.82
C ILE A 14 58.75 4.85 -18.98
N THR A 15 58.22 4.30 -20.08
CA THR A 15 59.02 3.99 -21.25
C THR A 15 58.28 4.28 -22.55
N ASN A 16 57.54 3.30 -23.07
CA ASN A 16 56.79 3.47 -24.31
C ASN A 16 55.43 4.14 -24.02
N LEU A 17 54.57 4.27 -25.02
CA LEU A 17 53.26 4.85 -24.79
C LEU A 17 52.23 3.84 -24.31
N CYS A 18 51.37 4.28 -23.40
CA CYS A 18 50.30 3.43 -22.86
C CYS A 18 49.26 3.16 -23.94
N PRO A 19 48.75 1.93 -24.03
CA PRO A 19 47.83 1.56 -25.14
C PRO A 19 46.37 1.88 -24.84
N PHE A 20 46.02 3.17 -24.87
CA PHE A 20 44.63 3.56 -24.62
C PHE A 20 43.73 3.24 -25.80
N GLY A 21 44.26 3.32 -27.02
CA GLY A 21 43.45 3.01 -28.18
C GLY A 21 42.99 1.57 -28.20
N GLU A 22 43.80 0.67 -27.62
CA GLU A 22 43.37 -0.72 -27.47
C GLU A 22 42.08 -0.79 -26.64
N VAL A 23 42.02 -0.05 -25.55
CA VAL A 23 40.83 -0.09 -24.70
C VAL A 23 39.64 0.58 -25.40
N PHE A 24 39.84 1.77 -25.94
CA PHE A 24 38.71 2.56 -26.43
C PHE A 24 38.19 2.07 -27.77
N ASN A 25 39.07 1.60 -28.65
CA ASN A 25 38.66 1.22 -29.99
C ASN A 25 38.60 -0.28 -30.17
N ALA A 26 38.45 -1.03 -29.08
CA ALA A 26 38.28 -2.47 -29.15
C ALA A 26 36.99 -2.84 -29.86
N THR A 27 37.04 -3.92 -30.65
CA THR A 27 35.90 -4.35 -31.44
C THR A 27 34.71 -4.74 -30.56
N ARG A 28 34.97 -5.50 -29.49
CA ARG A 28 33.92 -5.96 -28.59
C ARG A 28 34.17 -5.46 -27.18
N PHE A 29 33.09 -5.15 -26.47
CA PHE A 29 33.17 -4.75 -25.07
C PHE A 29 32.55 -5.82 -24.18
N ALA A 30 32.91 -5.79 -22.90
CA ALA A 30 32.44 -6.81 -21.99
C ALA A 30 31.02 -6.48 -21.54
N SER A 31 30.33 -7.51 -21.06
CA SER A 31 29.11 -7.30 -20.30
C SER A 31 29.45 -6.58 -18.99
N VAL A 32 28.52 -5.76 -18.52
CA VAL A 32 28.81 -4.94 -17.35
C VAL A 32 29.04 -5.82 -16.13
N TYR A 33 28.30 -6.93 -16.01
CA TYR A 33 28.54 -7.82 -14.88
C TYR A 33 29.91 -8.46 -14.96
N ALA A 34 30.46 -8.60 -16.16
CA ALA A 34 31.79 -9.19 -16.32
C ALA A 34 32.75 -8.15 -16.88
N TRP A 35 32.71 -6.95 -16.31
CA TRP A 35 33.45 -5.83 -16.88
C TRP A 35 34.93 -6.13 -16.99
N ASN A 36 35.54 -5.63 -18.06
CA ASN A 36 36.97 -5.84 -18.32
C ASN A 36 37.79 -4.78 -17.60
N ARG A 37 39.00 -5.17 -17.21
CA ARG A 37 39.94 -4.24 -16.61
C ARG A 37 41.29 -4.41 -17.28
N LYS A 38 41.85 -3.30 -17.75
CA LYS A 38 43.19 -3.26 -18.29
C LYS A 38 44.06 -2.47 -17.32
N ARG A 39 45.12 -3.13 -16.84
CA ARG A 39 46.07 -2.53 -15.92
C ARG A 39 47.21 -1.92 -16.73
N ILE A 40 47.44 -0.62 -16.54
CA ILE A 40 48.38 0.14 -17.35
C ILE A 40 49.54 0.56 -16.44
N SER A 41 50.76 0.17 -16.85
CA SER A 41 51.95 0.38 -16.03
C SER A 41 53.14 0.66 -16.94
N ASN A 42 54.14 1.35 -16.38
CA ASN A 42 55.44 1.55 -17.01
C ASN A 42 55.30 2.07 -18.43
N CYS A 43 54.73 3.26 -18.56
CA CYS A 43 54.55 3.86 -19.87
C CYS A 43 54.28 5.35 -19.74
N VAL A 44 54.32 6.03 -20.88
CA VAL A 44 53.96 7.44 -21.00
C VAL A 44 52.54 7.49 -21.54
N ALA A 45 51.67 8.21 -20.87
CA ALA A 45 50.26 8.24 -21.22
C ALA A 45 49.91 9.58 -21.86
N ASP A 46 49.40 9.53 -23.08
CA ASP A 46 48.96 10.71 -23.82
C ASP A 46 47.44 10.77 -23.80
N TYR A 47 46.88 11.47 -22.82
CA TYR A 47 45.44 11.62 -22.69
C TYR A 47 44.82 12.63 -23.64
N SER A 48 45.63 13.33 -24.45
CA SER A 48 45.09 14.34 -25.36
C SER A 48 44.11 13.74 -26.35
N VAL A 49 44.34 12.50 -26.76
CA VAL A 49 43.43 11.84 -27.69
C VAL A 49 42.05 11.63 -27.09
N LEU A 50 41.91 11.78 -25.78
CA LEU A 50 40.61 11.62 -25.11
C LEU A 50 39.89 12.95 -24.91
N TYR A 51 40.52 13.89 -24.21
CA TYR A 51 39.85 15.15 -23.86
C TYR A 51 39.82 16.15 -25.00
N ASN A 52 40.47 15.88 -26.13
CA ASN A 52 40.35 16.73 -27.30
C ASN A 52 39.39 16.15 -28.33
N SER A 53 38.65 15.10 -27.98
CA SER A 53 37.68 14.49 -28.87
C SER A 53 36.28 14.98 -28.48
N ALA A 54 35.40 15.07 -29.49
CA ALA A 54 34.04 15.53 -29.29
C ALA A 54 33.01 14.41 -29.43
N SER A 55 33.46 13.16 -29.55
CA SER A 55 32.58 12.02 -29.77
C SER A 55 31.93 11.50 -28.49
N PHE A 56 32.33 12.00 -27.32
CA PHE A 56 31.86 11.47 -26.05
C PHE A 56 30.64 12.22 -25.57
N SER A 57 29.64 11.47 -25.10
CA SER A 57 28.45 12.06 -24.51
C SER A 57 28.55 12.23 -23.01
N THR A 58 29.42 11.46 -22.34
CA THR A 58 29.71 11.64 -20.93
C THR A 58 31.22 11.70 -20.74
N PHE A 59 31.67 12.74 -20.02
CA PHE A 59 33.09 12.92 -19.70
C PHE A 59 33.15 13.68 -18.38
N LYS A 60 33.25 12.91 -17.29
CA LYS A 60 33.27 13.46 -15.94
C LYS A 60 34.44 12.89 -15.16
N CYS A 61 35.23 13.78 -14.57
CA CYS A 61 36.39 13.37 -13.80
C CYS A 61 36.26 13.85 -12.37
N TYR A 62 36.61 12.96 -11.44
CA TYR A 62 36.47 13.21 -10.02
C TYR A 62 37.86 13.23 -9.37
N GLY A 63 38.15 14.32 -8.66
CA GLY A 63 39.45 14.46 -8.03
C GLY A 63 40.56 14.93 -8.94
N VAL A 64 40.28 15.12 -10.23
CA VAL A 64 41.30 15.50 -11.19
C VAL A 64 40.61 16.17 -12.36
N SER A 65 41.28 17.15 -12.97
CA SER A 65 40.77 17.73 -14.20
C SER A 65 41.43 17.05 -15.39
N PRO A 66 40.65 16.62 -16.38
CA PRO A 66 41.25 15.92 -17.52
C PRO A 66 42.30 16.74 -18.26
N THR A 67 42.13 18.07 -18.32
CA THR A 67 43.09 18.91 -19.04
C THR A 67 44.48 18.94 -18.38
N LYS A 68 44.62 18.43 -17.16
CA LYS A 68 45.92 18.33 -16.50
C LYS A 68 46.55 16.95 -16.58
N LEU A 69 45.88 15.98 -17.19
CA LEU A 69 46.35 14.59 -17.10
C LEU A 69 47.70 14.39 -17.78
N ASN A 70 48.00 15.17 -18.83
CA ASN A 70 49.31 15.04 -19.48
C ASN A 70 50.44 15.60 -18.61
N ASP A 71 50.12 16.25 -17.49
CA ASP A 71 51.10 16.84 -16.61
C ASP A 71 51.13 16.14 -15.25
N LEU A 72 50.69 14.89 -15.18
CA LEU A 72 50.57 14.19 -13.90
C LEU A 72 51.19 12.80 -14.00
N CYS A 73 51.54 12.27 -12.83
CA CYS A 73 52.16 10.96 -12.71
C CYS A 73 51.39 10.14 -11.68
N PHE A 74 51.31 8.84 -11.92
CA PHE A 74 50.58 7.93 -11.05
C PHE A 74 51.31 6.60 -10.93
N THR A 75 51.04 5.89 -9.83
CA THR A 75 51.65 4.58 -9.65
C THR A 75 51.18 3.60 -10.71
N ASN A 76 49.86 3.48 -10.87
CA ASN A 76 49.26 2.64 -11.90
C ASN A 76 48.00 3.34 -12.39
N VAL A 77 47.54 2.94 -13.57
CA VAL A 77 46.27 3.38 -14.10
C VAL A 77 45.44 2.15 -14.44
N TYR A 78 44.14 2.22 -14.21
CA TYR A 78 43.26 1.11 -14.55
C TYR A 78 42.23 1.63 -15.55
N ALA A 79 41.92 0.83 -16.57
CA ALA A 79 40.90 1.17 -17.55
C ALA A 79 39.86 0.06 -17.58
N ASP A 80 38.69 0.33 -16.99
CA ASP A 80 37.58 -0.60 -16.98
C ASP A 80 36.60 -0.24 -18.10
N SER A 81 36.16 -1.24 -18.85
CA SER A 81 35.28 -1.04 -19.99
C SER A 81 34.13 -2.04 -19.93
N PHE A 82 32.95 -1.59 -20.33
CA PHE A 82 31.74 -2.41 -20.38
C PHE A 82 30.69 -1.66 -21.18
N VAL A 83 29.51 -2.27 -21.32
CA VAL A 83 28.39 -1.68 -22.03
C VAL A 83 27.18 -1.69 -21.12
N ILE A 84 26.45 -0.58 -21.08
CA ILE A 84 25.21 -0.47 -20.32
C ILE A 84 24.20 0.30 -21.16
N ARG A 85 23.03 0.55 -20.57
CA ARG A 85 22.05 1.42 -21.19
C ARG A 85 22.41 2.88 -20.97
N GLY A 86 21.96 3.74 -21.90
CA GLY A 86 22.26 5.16 -21.78
C GLY A 86 21.75 5.75 -20.48
N ASP A 87 20.49 5.49 -20.16
CA ASP A 87 19.93 6.00 -18.91
C ASP A 87 20.57 5.37 -17.67
N GLU A 88 21.49 4.43 -17.83
CA GLU A 88 22.21 3.88 -16.69
C GLU A 88 23.59 4.50 -16.50
N VAL A 89 24.07 5.30 -17.45
CA VAL A 89 25.41 5.88 -17.35
C VAL A 89 25.50 6.76 -16.10
N ARG A 90 24.41 7.41 -15.72
CA ARG A 90 24.39 8.26 -14.54
C ARG A 90 24.77 7.50 -13.28
N GLN A 91 24.63 6.18 -13.27
CA GLN A 91 24.99 5.36 -12.11
C GLN A 91 26.50 5.14 -11.98
N ILE A 92 27.26 5.44 -13.02
CA ILE A 92 28.74 5.29 -12.96
C ILE A 92 29.28 6.60 -12.42
N ALA A 93 29.22 6.74 -11.10
CA ALA A 93 29.62 7.92 -10.36
C ALA A 93 29.63 7.59 -8.88
N PRO A 94 30.45 8.27 -8.08
CA PRO A 94 30.50 7.98 -6.65
C PRO A 94 29.14 8.24 -5.99
N GLY A 95 28.78 7.35 -5.07
CA GLY A 95 27.59 7.53 -4.25
C GLY A 95 26.27 7.17 -4.90
N GLN A 96 26.28 6.69 -6.15
CA GLN A 96 25.05 6.41 -6.86
C GLN A 96 24.50 5.03 -6.48
N THR A 97 23.22 4.81 -6.78
CA THR A 97 22.55 3.54 -6.56
C THR A 97 21.86 3.12 -7.85
N GLY A 98 21.25 1.95 -7.84
CA GLY A 98 20.65 1.35 -9.01
C GLY A 98 21.20 -0.04 -9.26
N ASN A 99 20.61 -0.68 -10.28
CA ASN A 99 20.97 -2.09 -10.55
C ASN A 99 22.41 -2.21 -10.97
N ILE A 100 22.91 -1.25 -11.76
CA ILE A 100 24.29 -1.30 -12.22
C ILE A 100 25.25 -1.02 -11.08
N ALA A 101 24.98 0.03 -10.29
CA ALA A 101 25.91 0.39 -9.23
C ALA A 101 25.87 -0.64 -8.10
N ASP A 102 24.68 -1.14 -7.77
CA ASP A 102 24.58 -2.07 -6.66
C ASP A 102 25.06 -3.47 -7.03
N TYR A 103 24.77 -3.93 -8.25
CA TYR A 103 24.95 -5.34 -8.58
C TYR A 103 25.97 -5.61 -9.68
N ASN A 104 26.41 -4.60 -10.44
CA ASN A 104 27.26 -4.88 -11.57
C ASN A 104 28.62 -4.17 -11.51
N TYR A 105 28.64 -2.86 -11.24
CA TYR A 105 29.88 -2.08 -11.24
C TYR A 105 29.73 -0.90 -10.30
N LYS A 106 30.53 -0.89 -9.24
CA LYS A 106 30.44 0.10 -8.17
C LYS A 106 31.70 0.96 -8.11
N LEU A 107 31.53 2.25 -8.17
CA LEU A 107 32.67 3.13 -7.96
C LEU A 107 32.82 3.46 -6.48
N PRO A 108 34.04 3.67 -6.00
CA PRO A 108 34.23 4.06 -4.60
C PRO A 108 33.88 5.52 -4.37
N ASP A 109 33.60 5.86 -3.11
CA ASP A 109 33.26 7.24 -2.77
C ASP A 109 34.44 8.18 -3.02
N ASP A 110 35.65 7.74 -2.69
CA ASP A 110 36.86 8.53 -2.86
C ASP A 110 37.49 8.32 -4.23
N PHE A 111 36.68 8.00 -5.23
CA PHE A 111 37.17 7.70 -6.57
C PHE A 111 37.97 8.86 -7.13
N THR A 112 39.11 8.55 -7.72
CA THR A 112 39.90 9.53 -8.47
C THR A 112 40.05 8.99 -9.89
N GLY A 113 39.40 9.64 -10.85
CA GLY A 113 39.44 9.15 -12.21
C GLY A 113 38.41 9.83 -13.09
N CYS A 114 38.23 9.26 -14.28
CA CYS A 114 37.32 9.80 -15.28
C CYS A 114 36.35 8.73 -15.73
N VAL A 115 35.12 9.14 -16.02
CA VAL A 115 34.11 8.27 -16.58
C VAL A 115 33.78 8.82 -17.96
N ILE A 116 33.96 7.98 -18.98
CA ILE A 116 33.81 8.39 -20.37
C ILE A 116 32.90 7.38 -21.06
N ALA A 117 31.85 7.90 -21.69
CA ALA A 117 30.82 7.07 -22.30
C ALA A 117 30.38 7.67 -23.62
N TRP A 118 30.13 6.80 -24.60
CA TRP A 118 29.63 7.23 -25.90
C TRP A 118 28.59 6.24 -26.40
N ASN A 119 27.67 6.76 -27.19
CA ASN A 119 26.60 5.94 -27.77
C ASN A 119 27.19 4.94 -28.76
N SER A 120 26.82 3.67 -28.62
CA SER A 120 27.32 2.58 -29.46
C SER A 120 26.15 1.82 -30.10
N ASN A 121 25.09 2.53 -30.45
CA ASN A 121 23.95 1.91 -31.12
C ASN A 121 24.35 1.28 -32.46
N ASN A 122 25.21 1.96 -33.23
CA ASN A 122 25.62 1.44 -34.52
C ASN A 122 26.48 0.17 -34.39
N LEU A 123 27.03 -0.10 -33.21
CA LEU A 123 27.91 -1.25 -33.02
C LEU A 123 27.26 -2.39 -32.26
N ASP A 124 26.50 -2.10 -31.21
CA ASP A 124 26.03 -3.12 -30.28
C ASP A 124 24.54 -3.40 -30.40
N SER A 125 23.84 -2.71 -31.27
CA SER A 125 22.41 -2.95 -31.43
C SER A 125 22.18 -3.81 -32.66
N LYS A 126 21.17 -4.66 -32.57
CA LYS A 126 20.72 -5.48 -33.70
C LYS A 126 19.21 -5.38 -33.80
N VAL A 127 18.71 -5.46 -35.04
CA VAL A 127 17.27 -5.37 -35.26
C VAL A 127 16.54 -6.48 -34.50
N GLY A 128 17.12 -7.67 -34.48
CA GLY A 128 16.60 -8.78 -33.71
C GLY A 128 17.07 -8.83 -32.28
N GLY A 129 17.81 -7.81 -31.83
CA GLY A 129 18.31 -7.74 -30.46
C GLY A 129 19.68 -8.35 -30.26
N ASN A 130 20.55 -7.66 -29.52
CA ASN A 130 21.85 -8.20 -29.18
C ASN A 130 21.79 -8.77 -27.78
N TYR A 131 21.79 -10.10 -27.68
CA TYR A 131 21.67 -10.78 -26.39
C TYR A 131 23.00 -11.24 -25.84
N ASN A 132 24.12 -10.82 -26.47
CA ASN A 132 25.43 -11.10 -25.91
C ASN A 132 25.74 -10.26 -24.69
N TYR A 133 25.07 -9.12 -24.52
CA TYR A 133 25.31 -8.21 -23.40
C TYR A 133 24.32 -8.51 -22.28
N LEU A 134 24.84 -8.69 -21.07
CA LEU A 134 24.04 -9.08 -19.92
C LEU A 134 24.35 -8.16 -18.74
N TYR A 135 23.46 -8.22 -17.73
CA TYR A 135 23.66 -7.53 -16.48
C TYR A 135 23.09 -8.37 -15.34
N ARG A 136 23.63 -8.19 -14.14
CA ARG A 136 23.14 -8.93 -12.99
C ARG A 136 21.89 -8.27 -12.43
N LEU A 137 20.83 -9.05 -12.30
CA LEU A 137 19.55 -8.53 -11.84
C LEU A 137 19.27 -8.83 -10.36
N PHE A 138 19.74 -9.96 -9.84
CA PHE A 138 19.50 -10.32 -8.45
C PHE A 138 20.83 -10.53 -7.73
N ARG A 139 20.93 -10.02 -6.51
CA ARG A 139 22.09 -10.30 -5.70
C ARG A 139 21.71 -10.15 -4.23
N LYS A 140 22.37 -10.93 -3.36
CA LYS A 140 22.04 -10.89 -1.94
C LYS A 140 22.45 -9.57 -1.31
N SER A 141 23.54 -8.95 -1.78
CA SER A 141 24.02 -7.72 -1.19
C SER A 141 24.69 -6.88 -2.25
N ASN A 142 24.87 -5.59 -1.95
CA ASN A 142 25.52 -4.69 -2.89
C ASN A 142 26.99 -5.05 -3.07
N LEU A 143 27.51 -4.72 -4.25
CA LEU A 143 28.92 -4.95 -4.54
C LEU A 143 29.77 -3.95 -3.79
N LYS A 144 30.92 -4.41 -3.32
CA LYS A 144 31.95 -3.51 -2.86
C LYS A 144 32.55 -2.77 -4.06
N PRO A 145 33.19 -1.63 -3.84
CA PRO A 145 33.79 -0.89 -4.97
C PRO A 145 34.79 -1.76 -5.72
N PHE A 146 34.73 -1.69 -7.06
CA PHE A 146 35.64 -2.43 -7.94
C PHE A 146 35.57 -3.95 -7.73
N GLU A 147 34.41 -4.47 -7.34
CA GLU A 147 34.22 -5.91 -7.20
C GLU A 147 33.63 -6.43 -8.51
N ARG A 148 34.06 -7.64 -8.91
CA ARG A 148 33.59 -8.27 -10.14
C ARG A 148 32.93 -9.59 -9.73
N ASP A 149 31.68 -9.80 -10.11
CA ASP A 149 30.98 -11.04 -9.79
C ASP A 149 30.47 -11.65 -11.09
N ILE A 150 30.94 -12.84 -11.44
CA ILE A 150 30.50 -13.45 -12.67
C ILE A 150 29.81 -14.79 -12.43
N SER A 151 29.40 -15.06 -11.18
CA SER A 151 28.74 -16.32 -10.87
C SER A 151 27.35 -16.36 -11.52
N THR A 152 26.89 -17.58 -11.79
CA THR A 152 25.58 -17.84 -12.37
C THR A 152 24.74 -18.75 -11.47
N GLU A 153 25.06 -18.73 -10.19
CA GLU A 153 24.31 -19.51 -9.19
C GLU A 153 22.88 -18.99 -9.13
N ILE A 154 21.91 -19.90 -8.92
CA ILE A 154 20.52 -19.49 -8.78
C ILE A 154 20.36 -18.60 -7.55
N TYR A 155 19.73 -17.44 -7.74
CA TYR A 155 19.53 -16.52 -6.63
C TYR A 155 18.45 -17.07 -5.72
N GLN A 156 18.71 -17.11 -4.41
CA GLN A 156 17.75 -17.63 -3.43
C GLN A 156 16.96 -16.45 -2.85
N ALA A 157 15.74 -16.25 -3.33
CA ALA A 157 14.92 -15.15 -2.84
C ALA A 157 14.34 -15.42 -1.45
N GLY A 158 14.02 -16.67 -1.12
CA GLY A 158 13.48 -17.02 0.16
C GLY A 158 14.51 -17.72 1.04
N SER A 159 14.00 -18.42 2.04
CA SER A 159 14.84 -19.18 2.95
C SER A 159 15.01 -20.63 2.51
N THR A 160 14.36 -21.03 1.43
CA THR A 160 14.45 -22.41 0.94
C THR A 160 15.61 -22.55 -0.02
N PRO A 161 16.55 -23.46 0.24
CA PRO A 161 17.64 -23.68 -0.72
C PRO A 161 17.08 -24.06 -2.08
N CYS A 162 17.73 -23.56 -3.12
CA CYS A 162 17.24 -23.73 -4.48
C CYS A 162 17.77 -25.01 -5.12
N ASN A 163 18.89 -25.51 -4.62
CA ASN A 163 19.52 -26.73 -5.12
C ASN A 163 19.79 -26.61 -6.62
N GLY A 164 20.17 -25.42 -7.06
CA GLY A 164 20.53 -25.19 -8.45
C GLY A 164 19.41 -25.38 -9.45
N VAL A 165 18.15 -25.33 -9.00
CA VAL A 165 17.00 -25.57 -9.86
C VAL A 165 16.11 -24.33 -9.84
N LYS A 166 15.58 -23.96 -11.01
CA LYS A 166 14.70 -22.80 -11.08
C LYS A 166 13.33 -23.12 -10.51
N GLY A 167 12.68 -22.10 -9.96
CA GLY A 167 11.31 -22.25 -9.49
C GLY A 167 10.84 -21.02 -8.75
N PHE A 168 9.87 -21.25 -7.87
CA PHE A 168 9.38 -20.21 -6.97
C PHE A 168 10.49 -19.72 -6.05
N ASN A 169 10.72 -18.42 -6.05
CA ASN A 169 11.78 -17.79 -5.26
C ASN A 169 13.17 -18.30 -5.61
N CYS A 170 13.35 -18.82 -6.82
CA CYS A 170 14.63 -19.35 -7.28
C CYS A 170 14.81 -18.90 -8.72
N TYR A 171 15.58 -17.85 -8.92
CA TYR A 171 15.65 -17.13 -10.18
C TYR A 171 17.09 -17.08 -10.70
N PHE A 172 17.24 -17.19 -12.01
CA PHE A 172 18.54 -16.98 -12.63
C PHE A 172 18.94 -15.52 -12.44
N PRO A 173 20.17 -15.25 -12.01
CA PRO A 173 20.53 -13.88 -11.58
C PRO A 173 20.89 -12.91 -12.70
N LEU A 174 21.14 -13.37 -13.92
CA LEU A 174 21.55 -12.51 -15.03
C LEU A 174 20.39 -12.30 -16.00
N GLN A 175 20.41 -11.15 -16.66
CA GLN A 175 19.39 -10.81 -17.63
C GLN A 175 20.05 -10.07 -18.78
N SER A 176 19.57 -10.32 -19.99
CA SER A 176 20.16 -9.75 -21.18
C SER A 176 19.52 -8.41 -21.53
N TYR A 177 20.33 -7.49 -22.04
CA TYR A 177 19.79 -6.22 -22.51
C TYR A 177 18.95 -6.39 -23.77
N GLY A 178 19.40 -7.25 -24.69
CA GLY A 178 18.70 -7.42 -25.96
C GLY A 178 18.66 -6.13 -26.76
N PHE A 179 19.80 -5.48 -26.91
CA PHE A 179 19.84 -4.13 -27.47
C PHE A 179 19.24 -4.10 -28.88
N GLN A 180 18.34 -3.16 -29.11
CA GLN A 180 17.73 -2.87 -30.39
C GLN A 180 17.96 -1.43 -30.78
N PRO A 181 17.91 -1.09 -32.06
CA PRO A 181 17.95 0.32 -32.47
C PRO A 181 16.68 1.06 -32.11
N THR A 182 16.53 1.42 -30.84
CA THR A 182 15.31 2.07 -30.35
C THR A 182 15.24 3.54 -30.79
N TYR A 183 14.14 4.18 -30.44
CA TYR A 183 13.88 5.59 -30.74
C TYR A 183 14.46 6.52 -29.68
N GLY A 184 14.22 6.23 -28.40
CA GLY A 184 14.83 7.00 -27.32
C GLY A 184 16.27 6.58 -27.09
N VAL A 185 17.17 7.57 -27.04
CA VAL A 185 18.59 7.27 -26.91
C VAL A 185 18.90 6.60 -25.57
N GLY A 186 18.07 6.82 -24.56
CA GLY A 186 18.28 6.27 -23.23
C GLY A 186 18.24 4.75 -23.18
N TYR A 187 17.58 4.12 -24.16
CA TYR A 187 17.50 2.67 -24.23
C TYR A 187 18.63 2.04 -25.03
N GLN A 188 19.33 2.83 -25.84
CA GLN A 188 20.39 2.34 -26.71
C GLN A 188 21.64 1.95 -25.89
N PRO A 189 22.48 1.08 -26.43
CA PRO A 189 23.68 0.68 -25.70
C PRO A 189 24.72 1.79 -25.71
N TYR A 190 25.45 1.90 -24.61
CA TYR A 190 26.53 2.86 -24.49
C TYR A 190 27.78 2.16 -23.99
N ARG A 191 28.91 2.47 -24.62
CA ARG A 191 30.19 1.94 -24.21
C ARG A 191 30.83 2.90 -23.22
N VAL A 192 31.37 2.34 -22.14
CA VAL A 192 31.88 3.13 -21.01
C VAL A 192 33.30 2.70 -20.74
N VAL A 193 34.19 3.68 -20.61
CA VAL A 193 35.55 3.46 -20.12
C VAL A 193 35.72 4.27 -18.85
N VAL A 194 36.17 3.59 -17.79
CA VAL A 194 36.47 4.22 -16.50
C VAL A 194 37.97 4.17 -16.27
N LEU A 195 38.60 5.35 -16.17
CA LEU A 195 40.03 5.45 -15.87
C LEU A 195 40.20 5.71 -14.39
N SER A 196 40.94 4.84 -13.71
CA SER A 196 41.27 5.01 -12.31
C SER A 196 42.75 5.34 -12.19
N PHE A 197 43.06 6.38 -11.42
CA PHE A 197 44.42 6.84 -11.21
C PHE A 197 44.84 6.52 -9.79
N GLU A 198 45.76 5.55 -9.65
CA GLU A 198 46.19 5.05 -8.36
C GLU A 198 47.46 5.78 -7.93
N LEU A 199 47.52 6.17 -6.66
CA LEU A 199 48.69 6.84 -6.08
C LEU A 199 49.09 6.12 -4.79
N LEU A 200 50.17 5.36 -4.85
CA LEU A 200 50.65 4.67 -3.66
C LEU A 200 51.99 5.25 -3.24
N HIS A 201 52.48 4.77 -2.09
CA HIS A 201 53.81 5.15 -1.62
C HIS A 201 54.81 4.26 -2.35
N ALA A 202 55.05 4.62 -3.62
CA ALA A 202 55.88 3.85 -4.53
C ALA A 202 56.26 4.76 -5.69
N PRO A 203 57.30 4.41 -6.45
CA PRO A 203 57.62 5.21 -7.64
C PRO A 203 56.48 5.21 -8.65
N ALA A 204 56.33 6.35 -9.32
CA ALA A 204 55.33 6.50 -10.37
C ALA A 204 55.79 5.80 -11.64
N THR A 205 54.90 5.02 -12.25
CA THR A 205 55.24 4.33 -13.49
C THR A 205 54.44 4.80 -14.70
N VAL A 206 53.32 5.51 -14.49
CA VAL A 206 52.51 6.05 -15.58
C VAL A 206 52.53 7.56 -15.48
N CYS A 207 53.11 8.22 -16.49
CA CYS A 207 53.31 9.66 -16.48
C CYS A 207 52.83 10.28 -17.78
N GLY A 208 52.33 11.51 -17.68
CA GLY A 208 52.00 12.30 -18.84
C GLY A 208 53.27 12.68 -19.60
N PRO A 209 53.12 13.03 -20.88
CA PRO A 209 54.33 13.36 -21.68
C PRO A 209 55.15 14.51 -21.13
N LYS A 210 54.52 15.48 -20.47
CA LYS A 210 55.29 16.58 -19.90
C LYS A 210 56.11 16.17 -18.70
N LYS A 211 55.82 15.02 -18.10
CA LYS A 211 56.56 14.56 -16.92
C LYS A 211 57.28 13.25 -17.22
N GLN B 1 0.80 -0.77 5.86
CA GLN B 1 -0.33 -1.39 5.19
C GLN B 1 0.11 -2.08 3.89
N VAL B 2 0.17 -3.40 3.95
CA VAL B 2 0.56 -4.27 2.84
C VAL B 2 -0.67 -4.93 2.22
N GLN B 3 -0.89 -4.70 0.93
CA GLN B 3 -2.13 -5.12 0.27
C GLN B 3 -1.88 -5.36 -1.20
N LEU B 4 -2.74 -6.20 -1.78
CA LEU B 4 -2.87 -6.33 -3.24
C LEU B 4 -4.30 -5.97 -3.58
N VAL B 5 -4.47 -5.03 -4.52
CA VAL B 5 -5.79 -4.52 -4.90
C VAL B 5 -6.04 -4.75 -6.38
N GLN B 6 -7.16 -5.42 -6.69
CA GLN B 6 -7.52 -5.78 -8.04
C GLN B 6 -8.59 -4.82 -8.58
N SER B 7 -8.80 -4.87 -9.89
CA SER B 7 -9.79 -4.03 -10.53
C SER B 7 -11.20 -4.56 -10.27
N GLY B 8 -12.20 -3.73 -10.62
CA GLY B 8 -13.58 -4.06 -10.36
C GLY B 8 -14.12 -5.11 -11.32
N PRO B 9 -15.37 -5.50 -11.10
CA PRO B 9 -15.97 -6.56 -11.93
C PRO B 9 -16.13 -6.12 -13.38
N GLU B 10 -16.09 -7.10 -14.27
CA GLU B 10 -16.09 -6.85 -15.70
C GLU B 10 -17.17 -7.69 -16.38
N VAL B 11 -17.80 -7.13 -17.42
CA VAL B 11 -18.73 -7.86 -18.27
C VAL B 11 -18.16 -7.78 -19.67
N LYS B 12 -17.95 -8.95 -20.30
CA LYS B 12 -17.32 -8.95 -21.62
C LYS B 12 -18.08 -9.89 -22.54
N LYS B 13 -18.33 -9.46 -23.78
CA LYS B 13 -18.96 -10.34 -24.76
C LYS B 13 -18.05 -11.52 -25.11
N PRO B 14 -18.64 -12.68 -25.45
CA PRO B 14 -17.80 -13.85 -25.77
C PRO B 14 -16.91 -13.59 -26.98
N GLY B 15 -15.68 -14.08 -26.89
CA GLY B 15 -14.68 -13.90 -27.91
C GLY B 15 -13.76 -12.73 -27.70
N THR B 16 -14.15 -11.76 -26.85
CA THR B 16 -13.33 -10.59 -26.58
C THR B 16 -12.29 -10.94 -25.53
N SER B 17 -11.64 -9.90 -24.98
CA SER B 17 -10.61 -10.07 -23.96
C SER B 17 -10.91 -9.22 -22.74
N VAL B 18 -10.41 -9.67 -21.59
CA VAL B 18 -10.51 -8.94 -20.33
C VAL B 18 -9.12 -8.77 -19.76
N LYS B 19 -8.84 -7.61 -19.18
CA LYS B 19 -7.55 -7.33 -18.55
C LYS B 19 -7.81 -6.97 -17.09
N VAL B 20 -7.34 -7.83 -16.19
CA VAL B 20 -7.46 -7.62 -14.76
C VAL B 20 -6.15 -7.05 -14.23
N SER B 21 -6.25 -6.01 -13.42
CA SER B 21 -5.10 -5.36 -12.84
C SER B 21 -4.92 -5.81 -11.38
N CYS B 22 -3.68 -5.69 -10.89
CA CYS B 22 -3.33 -6.12 -9.54
C CYS B 22 -2.22 -5.18 -9.07
N LYS B 23 -2.58 -4.25 -8.20
CA LYS B 23 -1.65 -3.23 -7.71
C LYS B 23 -1.10 -3.65 -6.36
N ALA B 24 0.21 -3.57 -6.20
CA ALA B 24 0.89 -4.00 -5.00
C ALA B 24 1.29 -2.78 -4.17
N SER B 25 1.19 -2.92 -2.85
CA SER B 25 1.62 -1.87 -1.94
C SER B 25 2.25 -2.54 -0.73
N GLY B 26 3.22 -1.87 -0.13
CA GLY B 26 3.79 -2.32 1.11
C GLY B 26 4.95 -3.28 0.94
N ILE B 27 5.32 -3.58 -0.31
CA ILE B 27 6.25 -4.66 -0.63
C ILE B 27 7.33 -4.14 -1.57
N THR B 28 8.50 -4.77 -1.52
CA THR B 28 9.46 -4.65 -2.60
C THR B 28 8.92 -5.45 -3.76
N PHE B 29 8.27 -4.74 -4.69
CA PHE B 29 7.67 -5.40 -5.86
C PHE B 29 8.74 -6.06 -6.73
N THR B 30 9.90 -5.42 -6.89
CA THR B 30 10.91 -5.89 -7.83
C THR B 30 11.45 -7.29 -7.50
N SER B 31 11.31 -7.73 -6.26
CA SER B 31 11.84 -9.03 -5.86
C SER B 31 10.77 -10.10 -5.77
N SER B 32 9.51 -9.74 -6.02
CA SER B 32 8.39 -10.63 -5.76
C SER B 32 7.97 -11.35 -7.04
N ALA B 33 6.90 -12.14 -6.93
CA ALA B 33 6.27 -12.80 -8.04
C ALA B 33 4.76 -12.78 -7.83
N VAL B 34 4.00 -12.85 -8.93
CA VAL B 34 2.55 -12.78 -8.89
C VAL B 34 1.98 -13.99 -9.61
N GLN B 35 1.15 -14.77 -8.90
CA GLN B 35 0.41 -15.87 -9.50
C GLN B 35 -1.06 -15.50 -9.62
N TRP B 36 -1.70 -16.02 -10.67
CA TRP B 36 -3.10 -15.74 -10.94
C TRP B 36 -3.87 -17.04 -10.89
N VAL B 37 -4.98 -17.03 -10.16
CA VAL B 37 -5.79 -18.22 -9.89
C VAL B 37 -7.24 -17.85 -10.14
N ARG B 38 -8.02 -18.81 -10.61
CA ARG B 38 -9.44 -18.56 -10.83
C ARG B 38 -10.30 -19.60 -10.13
N GLN B 39 -11.49 -19.17 -9.73
CA GLN B 39 -12.45 -20.00 -9.02
C GLN B 39 -13.84 -19.75 -9.60
N ALA B 40 -14.44 -20.78 -10.19
CA ALA B 40 -15.82 -20.69 -10.63
C ALA B 40 -16.78 -20.75 -9.44
N ARG B 41 -18.01 -20.30 -9.68
CA ARG B 41 -19.01 -20.23 -8.62
C ARG B 41 -19.26 -21.63 -8.06
N GLY B 42 -19.00 -21.79 -6.76
CA GLY B 42 -19.17 -23.07 -6.10
C GLY B 42 -18.19 -24.17 -6.48
N GLN B 43 -17.07 -23.80 -7.09
CA GLN B 43 -16.02 -24.68 -7.57
C GLN B 43 -14.70 -24.49 -6.83
N ARG B 44 -13.73 -25.23 -7.32
CA ARG B 44 -12.37 -25.32 -6.84
C ARG B 44 -11.50 -24.21 -7.42
N LEU B 45 -10.36 -23.99 -6.79
CA LEU B 45 -9.39 -23.04 -7.31
C LEU B 45 -8.70 -23.63 -8.53
N GLU B 46 -8.46 -22.79 -9.54
CA GLU B 46 -7.81 -23.26 -10.75
C GLU B 46 -6.59 -22.39 -10.99
N TRP B 47 -5.40 -23.01 -11.00
CA TRP B 47 -4.17 -22.27 -11.25
C TRP B 47 -4.08 -21.84 -12.71
N ILE B 48 -3.82 -20.55 -12.93
CA ILE B 48 -3.66 -20.02 -14.28
C ILE B 48 -2.19 -19.91 -14.65
N GLY B 49 -1.42 -19.21 -13.83
CA GLY B 49 0.00 -19.09 -14.06
C GLY B 49 0.56 -17.88 -13.35
N TRP B 50 1.90 -17.81 -13.35
CA TRP B 50 2.62 -16.86 -12.53
C TRP B 50 3.67 -16.13 -13.35
N ILE B 51 4.19 -15.06 -12.78
CA ILE B 51 5.16 -14.20 -13.42
C ILE B 51 6.18 -13.77 -12.38
N VAL B 52 7.45 -13.66 -12.78
CA VAL B 52 8.50 -13.13 -11.92
C VAL B 52 8.65 -11.66 -12.23
N VAL B 53 8.50 -10.81 -11.21
CA VAL B 53 8.40 -9.37 -11.46
C VAL B 53 9.70 -8.84 -12.05
N GLY B 54 10.84 -9.25 -11.48
CA GLY B 54 12.12 -8.68 -11.90
C GLY B 54 12.46 -8.99 -13.35
N SER B 55 12.25 -10.24 -13.76
CA SER B 55 12.63 -10.64 -15.11
C SER B 55 11.47 -10.64 -16.08
N GLY B 56 10.24 -10.73 -15.59
CA GLY B 56 9.10 -10.86 -16.48
C GLY B 56 8.88 -12.25 -17.02
N ASN B 57 9.67 -13.23 -16.59
CA ASN B 57 9.48 -14.60 -17.04
C ASN B 57 8.11 -15.11 -16.58
N THR B 58 7.43 -15.82 -17.46
CA THR B 58 6.10 -16.30 -17.17
C THR B 58 6.02 -17.80 -17.34
N ASN B 59 5.09 -18.40 -16.61
CA ASN B 59 4.82 -19.83 -16.74
C ASN B 59 3.33 -20.05 -16.54
N TYR B 60 2.68 -20.65 -17.54
CA TYR B 60 1.25 -20.84 -17.54
C TYR B 60 0.87 -22.32 -17.52
N ALA B 61 -0.31 -22.58 -16.96
CA ALA B 61 -0.93 -23.89 -17.07
C ALA B 61 -1.26 -24.17 -18.53
N GLN B 62 -1.30 -25.46 -18.87
CA GLN B 62 -1.45 -25.85 -20.27
C GLN B 62 -2.75 -25.32 -20.85
N LYS B 63 -3.81 -25.22 -20.03
CA LYS B 63 -5.09 -24.75 -20.51
C LYS B 63 -5.09 -23.28 -20.92
N PHE B 64 -4.36 -22.44 -20.21
CA PHE B 64 -4.32 -21.03 -20.53
C PHE B 64 -3.12 -20.58 -21.36
N GLN B 65 -2.23 -21.49 -21.76
CA GLN B 65 -0.98 -21.05 -22.38
C GLN B 65 -1.25 -20.24 -23.65
N GLU B 66 -2.18 -20.71 -24.48
CA GLU B 66 -2.46 -20.07 -25.75
C GLU B 66 -3.41 -18.90 -25.60
N ARG B 67 -3.96 -18.67 -24.40
CA ARG B 67 -5.04 -17.71 -24.21
C ARG B 67 -4.75 -16.60 -23.21
N VAL B 68 -3.76 -16.77 -22.32
CA VAL B 68 -3.51 -15.83 -21.25
C VAL B 68 -2.17 -15.13 -21.46
N THR B 69 -2.11 -13.86 -21.10
CA THR B 69 -0.87 -13.11 -21.13
C THR B 69 -0.76 -12.36 -19.81
N ILE B 70 0.26 -12.67 -19.03
CA ILE B 70 0.50 -12.03 -17.74
C ILE B 70 1.70 -11.11 -17.89
N THR B 71 1.52 -9.85 -17.49
CA THR B 71 2.55 -8.83 -17.58
C THR B 71 2.65 -8.09 -16.26
N ARG B 72 3.57 -7.12 -16.21
CA ARG B 72 3.70 -6.23 -15.07
C ARG B 72 4.17 -4.87 -15.55
N ASP B 73 3.87 -3.86 -14.74
CA ASP B 73 4.27 -2.47 -14.98
C ASP B 73 4.94 -2.01 -13.69
N MET B 74 6.27 -1.92 -13.74
CA MET B 74 7.02 -1.62 -12.53
C MET B 74 6.99 -0.15 -12.16
N SER B 75 6.73 0.74 -13.12
CA SER B 75 6.55 2.15 -12.80
C SER B 75 5.34 2.40 -11.91
N THR B 76 4.38 1.47 -11.90
CA THR B 76 3.23 1.57 -11.01
C THR B 76 3.13 0.40 -10.03
N SER B 77 4.08 -0.55 -10.08
CA SER B 77 4.05 -1.70 -9.18
C SER B 77 2.72 -2.45 -9.31
N THR B 78 2.31 -2.66 -10.56
CA THR B 78 1.02 -3.25 -10.85
C THR B 78 1.19 -4.39 -11.84
N ALA B 79 0.70 -5.57 -11.47
CA ALA B 79 0.68 -6.70 -12.38
C ALA B 79 -0.67 -6.81 -13.08
N TYR B 80 -0.66 -7.50 -14.21
CA TYR B 80 -1.84 -7.60 -15.07
C TYR B 80 -2.02 -9.02 -15.56
N MET B 81 -3.28 -9.42 -15.70
CA MET B 81 -3.66 -10.70 -16.29
C MET B 81 -4.66 -10.46 -17.40
N GLU B 82 -4.32 -10.84 -18.63
CA GLU B 82 -5.22 -10.70 -19.77
C GLU B 82 -5.68 -12.07 -20.25
N LEU B 83 -6.99 -12.26 -20.36
CA LEU B 83 -7.59 -13.50 -20.86
C LEU B 83 -8.31 -13.23 -22.18
N SER B 84 -7.96 -13.99 -23.20
CA SER B 84 -8.49 -13.83 -24.55
C SER B 84 -9.37 -15.01 -24.92
N SER B 85 -10.13 -14.85 -26.01
CA SER B 85 -11.07 -15.85 -26.49
C SER B 85 -12.04 -16.27 -25.38
N LEU B 86 -12.77 -15.27 -24.87
CA LEU B 86 -13.61 -15.48 -23.70
C LEU B 86 -14.81 -16.36 -24.07
N ARG B 87 -14.99 -17.43 -23.31
CA ARG B 87 -16.15 -18.32 -23.43
C ARG B 87 -16.90 -18.34 -22.11
N SER B 88 -18.11 -18.90 -22.14
CA SER B 88 -18.97 -18.87 -20.96
C SER B 88 -18.34 -19.58 -19.77
N GLU B 89 -17.41 -20.51 -20.01
CA GLU B 89 -16.72 -21.19 -18.92
C GLU B 89 -15.72 -20.29 -18.20
N ASP B 90 -15.45 -19.11 -18.71
CA ASP B 90 -14.52 -18.18 -18.08
C ASP B 90 -15.20 -17.29 -17.05
N THR B 91 -16.52 -17.34 -16.95
CA THR B 91 -17.23 -16.60 -15.91
C THR B 91 -16.81 -17.12 -14.54
N ALA B 92 -16.08 -16.32 -13.78
CA ALA B 92 -15.49 -16.76 -12.51
C ALA B 92 -14.90 -15.54 -11.80
N VAL B 93 -14.36 -15.78 -10.61
CA VAL B 93 -13.62 -14.78 -9.86
C VAL B 93 -12.13 -15.06 -10.00
N TYR B 94 -11.35 -14.04 -10.35
CA TYR B 94 -9.93 -14.16 -10.61
C TYR B 94 -9.13 -13.45 -9.52
N TYR B 95 -8.21 -14.19 -8.91
CA TYR B 95 -7.36 -13.69 -7.82
C TYR B 95 -5.90 -13.61 -8.28
N CYS B 96 -5.21 -12.57 -7.80
CA CYS B 96 -3.75 -12.50 -7.87
C CYS B 96 -3.19 -12.72 -6.47
N ALA B 97 -1.98 -13.28 -6.41
CA ALA B 97 -1.34 -13.51 -5.13
C ALA B 97 0.16 -13.32 -5.28
N ALA B 98 0.81 -12.91 -4.19
CA ALA B 98 2.22 -12.60 -4.20
C ALA B 98 2.80 -12.82 -2.81
N PRO B 99 4.07 -13.19 -2.72
CA PRO B 99 4.74 -13.21 -1.41
C PRO B 99 5.22 -11.82 -1.01
N TYR B 100 5.22 -11.59 0.30
CA TYR B 100 5.80 -10.37 0.86
C TYR B 100 7.32 -10.44 0.75
N CYS B 101 7.96 -9.34 0.35
CA CYS B 101 9.40 -9.33 0.20
C CYS B 101 10.02 -8.10 0.84
N SER B 102 11.05 -8.33 1.67
CA SER B 102 11.92 -7.29 2.24
C SER B 102 13.14 -7.09 1.34
N GLY B 103 13.05 -6.16 0.39
CA GLY B 103 14.17 -5.87 -0.47
C GLY B 103 14.74 -7.06 -1.22
N GLY B 104 15.61 -7.83 -0.58
CA GLY B 104 16.17 -9.00 -1.21
C GLY B 104 15.53 -10.30 -0.75
N THR B 105 15.13 -10.36 0.51
CA THR B 105 14.50 -11.56 1.06
C THR B 105 13.01 -11.57 0.74
N CYS B 106 12.46 -12.77 0.56
CA CYS B 106 11.06 -12.95 0.21
C CYS B 106 10.45 -14.04 1.09
N HIS B 107 9.14 -13.92 1.33
CA HIS B 107 8.45 -14.96 2.08
C HIS B 107 8.34 -16.22 1.23
N ASP B 108 8.31 -17.37 1.90
CA ASP B 108 8.36 -18.66 1.23
C ASP B 108 6.98 -19.19 0.87
N GLY B 109 6.02 -18.30 0.67
CA GLY B 109 4.71 -18.71 0.22
C GLY B 109 3.88 -17.49 -0.13
N PHE B 110 2.86 -17.73 -0.97
CA PHE B 110 1.93 -16.68 -1.36
C PHE B 110 1.03 -16.32 -0.19
N ASP B 111 1.44 -15.33 0.60
CA ASP B 111 0.67 -14.94 1.78
C ASP B 111 -0.20 -13.71 1.55
N ILE B 112 0.03 -12.96 0.49
CA ILE B 112 -0.80 -11.80 0.13
C ILE B 112 -1.68 -12.18 -1.05
N TRP B 113 -2.98 -11.93 -0.90
CA TRP B 113 -3.96 -12.22 -1.92
C TRP B 113 -4.80 -10.96 -2.17
N GLY B 114 -5.21 -10.78 -3.42
CA GLY B 114 -6.14 -9.72 -3.76
C GLY B 114 -7.57 -10.10 -3.43
N GLN B 115 -8.44 -9.09 -3.45
CA GLN B 115 -9.84 -9.32 -3.12
C GLN B 115 -10.57 -10.15 -4.18
N GLY B 116 -10.05 -10.21 -5.38
CA GLY B 116 -10.70 -10.94 -6.45
C GLY B 116 -11.46 -10.01 -7.38
N THR B 117 -11.63 -10.47 -8.63
CA THR B 117 -12.36 -9.73 -9.64
C THR B 117 -13.34 -10.68 -10.29
N MET B 118 -14.63 -10.36 -10.20
CA MET B 118 -15.68 -11.19 -10.79
C MET B 118 -15.83 -10.82 -12.26
N VAL B 119 -15.64 -11.80 -13.15
CA VAL B 119 -15.75 -11.59 -14.58
C VAL B 119 -16.85 -12.49 -15.12
N THR B 120 -17.84 -11.88 -15.77
CA THR B 120 -18.96 -12.59 -16.38
C THR B 120 -18.88 -12.38 -17.88
N VAL B 121 -18.89 -13.47 -18.65
CA VAL B 121 -18.88 -13.40 -20.10
C VAL B 121 -20.19 -13.99 -20.62
N SER B 122 -20.95 -13.18 -21.35
CA SER B 122 -22.24 -13.61 -21.86
C SER B 122 -22.69 -12.60 -22.89
N SER B 123 -23.71 -12.98 -23.66
CA SER B 123 -24.23 -12.10 -24.70
C SER B 123 -25.23 -11.08 -24.18
N ALA B 124 -25.71 -11.22 -22.95
CA ALA B 124 -26.73 -10.32 -22.43
C ALA B 124 -26.14 -8.95 -22.14
N SER B 125 -27.00 -7.93 -22.18
CA SER B 125 -26.56 -6.57 -21.92
C SER B 125 -26.51 -6.31 -20.42
N THR B 126 -25.97 -5.15 -20.06
CA THR B 126 -25.84 -4.73 -18.68
C THR B 126 -27.08 -3.95 -18.26
N LYS B 127 -27.77 -4.42 -17.21
CA LYS B 127 -29.00 -3.82 -16.74
C LYS B 127 -28.87 -3.48 -15.26
N GLY B 128 -29.23 -2.25 -14.91
CA GLY B 128 -29.20 -1.83 -13.54
C GLY B 128 -30.31 -2.46 -12.73
N PRO B 129 -30.12 -2.58 -11.42
CA PRO B 129 -31.14 -3.20 -10.57
C PRO B 129 -32.21 -2.22 -10.12
N SER B 130 -33.39 -2.78 -9.84
CA SER B 130 -34.48 -2.05 -9.21
C SER B 130 -34.59 -2.56 -7.78
N VAL B 131 -34.62 -1.63 -6.83
CA VAL B 131 -34.57 -1.94 -5.41
C VAL B 131 -35.94 -1.66 -4.80
N PHE B 132 -36.50 -2.65 -4.11
CA PHE B 132 -37.80 -2.45 -3.49
C PHE B 132 -37.73 -2.80 -2.01
N PRO B 133 -38.47 -2.08 -1.15
CA PRO B 133 -38.43 -2.36 0.29
C PRO B 133 -39.36 -3.51 0.66
N LEU B 134 -38.89 -4.40 1.52
CA LEU B 134 -39.76 -5.37 2.19
C LEU B 134 -40.02 -4.82 3.60
N ALA B 135 -41.10 -4.06 3.74
CA ALA B 135 -41.32 -3.35 5.00
C ALA B 135 -41.74 -4.32 6.10
N PRO B 136 -41.31 -4.08 7.34
CA PRO B 136 -41.80 -4.88 8.48
C PRO B 136 -43.28 -4.66 8.77
N SER B 137 -43.91 -5.71 9.28
CA SER B 137 -45.34 -5.69 9.55
C SER B 137 -45.62 -4.86 10.81
N SER B 138 -46.89 -4.82 11.20
CA SER B 138 -47.29 -4.07 12.39
C SER B 138 -48.10 -4.95 13.34
N GLY B 144 -41.00 -10.57 20.08
CA GLY B 144 -40.40 -9.32 20.50
C GLY B 144 -39.31 -8.81 19.56
N THR B 145 -39.16 -9.48 18.42
CA THR B 145 -38.21 -9.08 17.39
C THR B 145 -38.90 -9.06 16.03
N ALA B 146 -38.65 -8.02 15.25
CA ALA B 146 -39.20 -7.89 13.91
C ALA B 146 -38.10 -8.06 12.86
N ALA B 147 -38.53 -8.18 11.60
CA ALA B 147 -37.62 -8.38 10.48
C ALA B 147 -37.99 -7.46 9.33
N LEU B 148 -36.98 -6.89 8.68
CA LEU B 148 -37.16 -6.05 7.50
C LEU B 148 -36.10 -6.43 6.47
N GLY B 149 -36.13 -5.78 5.32
CA GLY B 149 -35.10 -6.05 4.32
C GLY B 149 -35.34 -5.28 3.04
N CYS B 150 -34.57 -5.67 2.02
CA CYS B 150 -34.62 -5.08 0.69
C CYS B 150 -34.63 -6.16 -0.38
N LEU B 151 -35.31 -5.85 -1.50
CA LEU B 151 -35.36 -6.74 -2.66
C LEU B 151 -34.63 -6.07 -3.81
N VAL B 152 -33.59 -6.75 -4.31
CA VAL B 152 -32.77 -6.27 -5.42
C VAL B 152 -33.12 -7.13 -6.63
N LYS B 153 -33.88 -6.59 -7.56
CA LYS B 153 -34.49 -7.38 -8.61
C LYS B 153 -34.05 -6.87 -9.98
N ASP B 154 -33.96 -7.79 -10.94
CA ASP B 154 -33.78 -7.47 -12.36
C ASP B 154 -32.48 -6.71 -12.60
N TYR B 155 -31.37 -7.41 -12.36
CA TYR B 155 -30.05 -6.87 -12.66
C TYR B 155 -29.20 -7.94 -13.32
N PHE B 156 -28.19 -7.49 -14.07
CA PHE B 156 -27.21 -8.36 -14.71
C PHE B 156 -25.93 -7.57 -14.93
N PRO B 157 -24.75 -8.16 -14.68
CA PRO B 157 -24.56 -9.49 -14.10
C PRO B 157 -24.15 -9.41 -12.64
N GLU B 158 -23.75 -10.56 -12.09
CA GLU B 158 -23.20 -10.59 -10.75
C GLU B 158 -21.92 -9.75 -10.68
N PRO B 159 -21.59 -9.18 -9.52
CA PRO B 159 -22.33 -9.24 -8.26
C PRO B 159 -23.00 -7.92 -7.90
N VAL B 160 -23.76 -7.95 -6.81
CA VAL B 160 -24.26 -6.73 -6.21
C VAL B 160 -23.78 -6.70 -4.76
N THR B 161 -23.55 -5.51 -4.27
CA THR B 161 -23.17 -5.31 -2.89
C THR B 161 -24.30 -4.62 -2.13
N VAL B 162 -24.60 -5.12 -0.93
CA VAL B 162 -25.68 -4.62 -0.09
C VAL B 162 -25.12 -4.37 1.30
N SER B 163 -25.30 -3.15 1.80
CA SER B 163 -24.94 -2.81 3.18
C SER B 163 -26.16 -2.18 3.83
N TRP B 164 -26.11 -1.99 5.14
CA TRP B 164 -27.23 -1.39 5.87
C TRP B 164 -26.74 -0.23 6.72
N ASN B 165 -27.35 0.94 6.53
CA ASN B 165 -26.97 2.16 7.24
C ASN B 165 -25.50 2.49 7.00
N SER B 166 -25.05 2.27 5.76
CA SER B 166 -23.65 2.51 5.35
C SER B 166 -22.67 1.73 6.22
N GLY B 167 -23.02 0.48 6.55
CA GLY B 167 -22.15 -0.38 7.31
C GLY B 167 -22.30 -0.32 8.82
N ALA B 168 -23.08 0.62 9.34
CA ALA B 168 -23.27 0.72 10.79
C ALA B 168 -23.97 -0.50 11.37
N LEU B 169 -24.96 -1.03 10.64
CA LEU B 169 -25.75 -2.17 11.10
C LEU B 169 -25.23 -3.44 10.42
N THR B 170 -24.73 -4.38 11.24
CA THR B 170 -24.23 -5.66 10.73
C THR B 170 -24.75 -6.87 11.48
N SER B 171 -25.23 -6.72 12.71
CA SER B 171 -25.71 -7.87 13.48
C SER B 171 -27.07 -8.30 12.95
N GLY B 172 -27.24 -9.61 12.76
CA GLY B 172 -28.49 -10.17 12.30
C GLY B 172 -28.76 -10.03 10.82
N VAL B 173 -27.80 -9.53 10.04
CA VAL B 173 -28.02 -9.32 8.62
C VAL B 173 -27.79 -10.64 7.89
N HIS B 174 -28.58 -10.89 6.85
CA HIS B 174 -28.40 -12.03 5.96
C HIS B 174 -28.64 -11.57 4.53
N THR B 175 -27.57 -11.49 3.74
CA THR B 175 -27.68 -11.19 2.31
C THR B 175 -27.61 -12.51 1.55
N PHE B 176 -28.76 -12.94 1.02
CA PHE B 176 -28.85 -14.25 0.40
C PHE B 176 -28.16 -14.25 -0.96
N PRO B 177 -27.53 -15.37 -1.33
CA PRO B 177 -26.96 -15.45 -2.68
C PRO B 177 -28.04 -15.29 -3.74
N ALA B 178 -27.68 -14.57 -4.80
CA ALA B 178 -28.65 -14.25 -5.85
C ALA B 178 -29.07 -15.50 -6.62
N VAL B 179 -30.26 -15.44 -7.19
CA VAL B 179 -30.79 -16.53 -8.02
C VAL B 179 -31.08 -15.88 -9.35
N LEU B 180 -30.71 -16.57 -10.44
CA LEU B 180 -30.94 -15.99 -11.75
C LEU B 180 -32.37 -16.36 -12.14
N GLN B 181 -33.25 -15.36 -12.28
CA GLN B 181 -34.63 -15.61 -12.70
C GLN B 181 -34.69 -15.81 -14.21
N SER B 182 -35.12 -17.01 -14.62
CA SER B 182 -35.28 -17.48 -16.01
C SER B 182 -35.31 -16.44 -17.13
N SER B 183 -35.63 -15.18 -16.81
CA SER B 183 -35.57 -14.11 -17.81
C SER B 183 -34.13 -13.77 -18.16
N GLY B 184 -33.19 -14.34 -17.42
CA GLY B 184 -31.78 -14.08 -17.53
C GLY B 184 -31.26 -12.98 -16.62
N LEU B 185 -32.09 -12.27 -15.90
CA LEU B 185 -31.58 -11.28 -14.96
C LEU B 185 -31.56 -11.91 -13.55
N TYR B 186 -30.85 -11.26 -12.64
CA TYR B 186 -30.65 -11.76 -11.28
C TYR B 186 -31.52 -11.07 -10.23
N SER B 187 -31.89 -11.83 -9.20
CA SER B 187 -32.65 -11.32 -8.07
C SER B 187 -32.03 -11.79 -6.75
N LEU B 188 -32.02 -10.90 -5.76
CA LEU B 188 -31.39 -11.17 -4.48
C LEU B 188 -32.17 -10.42 -3.40
N SER B 189 -32.12 -10.94 -2.16
CA SER B 189 -32.75 -10.28 -1.03
C SER B 189 -31.77 -10.19 0.14
N SER B 190 -31.74 -9.03 0.78
CA SER B 190 -30.89 -8.79 1.95
C SER B 190 -31.76 -8.30 3.10
N VAL B 191 -31.85 -9.12 4.15
CA VAL B 191 -32.70 -8.88 5.30
C VAL B 191 -31.85 -8.68 6.55
N VAL B 192 -32.50 -8.16 7.60
CA VAL B 192 -31.88 -8.03 8.91
C VAL B 192 -32.99 -7.99 9.95
N THR B 193 -32.73 -8.61 11.10
CA THR B 193 -33.67 -8.67 12.22
C THR B 193 -33.28 -7.64 13.27
N VAL B 194 -34.26 -6.89 13.76
CA VAL B 194 -34.05 -5.86 14.78
C VAL B 194 -35.14 -5.96 15.83
N PRO B 195 -34.86 -5.49 17.05
CA PRO B 195 -35.88 -5.57 18.12
C PRO B 195 -37.13 -4.79 17.77
N SER B 196 -38.27 -5.27 18.29
CA SER B 196 -39.59 -4.74 17.93
C SER B 196 -39.86 -3.35 18.50
N SER B 197 -38.99 -2.83 19.37
CA SER B 197 -39.17 -1.51 19.95
C SER B 197 -38.46 -0.40 19.19
N SER B 198 -37.84 -0.71 18.05
CA SER B 198 -37.03 0.27 17.32
C SER B 198 -37.56 0.61 15.94
N LEU B 199 -38.73 0.09 15.53
CA LEU B 199 -39.25 0.40 14.21
C LEU B 199 -39.71 1.85 14.11
N GLY B 200 -40.47 2.32 15.10
CA GLY B 200 -40.96 3.69 15.08
C GLY B 200 -39.95 4.74 15.46
N THR B 201 -38.77 4.34 15.96
CA THR B 201 -37.73 5.26 16.39
C THR B 201 -36.51 5.24 15.48
N GLN B 202 -35.93 4.07 15.27
CA GLN B 202 -34.72 3.95 14.46
C GLN B 202 -35.07 3.86 12.98
N THR B 203 -34.24 4.49 12.14
CA THR B 203 -34.42 4.46 10.70
C THR B 203 -33.43 3.47 10.08
N TYR B 204 -33.91 2.74 9.07
CA TYR B 204 -33.11 1.73 8.38
C TYR B 204 -33.11 2.02 6.89
N ILE B 205 -31.91 2.05 6.30
CA ILE B 205 -31.73 2.29 4.88
C ILE B 205 -30.79 1.21 4.35
N CYS B 206 -31.17 0.58 3.24
CA CYS B 206 -30.32 -0.38 2.56
C CYS B 206 -29.59 0.29 1.41
N ASN B 207 -28.28 0.06 1.32
CA ASN B 207 -27.44 0.67 0.31
C ASN B 207 -26.97 -0.41 -0.65
N VAL B 208 -27.43 -0.33 -1.90
CA VAL B 208 -27.11 -1.32 -2.92
C VAL B 208 -26.25 -0.62 -3.97
N ASN B 209 -25.22 -1.32 -4.43
CA ASN B 209 -24.34 -0.81 -5.47
C ASN B 209 -24.15 -1.89 -6.51
N HIS B 210 -24.31 -1.54 -7.78
CA HIS B 210 -24.00 -2.41 -8.91
C HIS B 210 -22.92 -1.68 -9.71
N LYS B 211 -21.67 -2.11 -9.52
CA LYS B 211 -20.58 -1.51 -10.28
C LYS B 211 -20.70 -1.71 -11.79
N PRO B 212 -21.06 -2.89 -12.31
CA PRO B 212 -21.16 -3.01 -13.78
C PRO B 212 -22.12 -2.00 -14.42
N SER B 213 -23.19 -1.56 -13.76
CA SER B 213 -24.08 -0.52 -14.29
C SER B 213 -23.86 0.84 -13.69
N ASN B 214 -22.94 0.98 -12.75
CA ASN B 214 -22.68 2.26 -12.09
C ASN B 214 -23.96 2.88 -11.48
N THR B 215 -24.60 2.11 -10.59
CA THR B 215 -25.86 2.51 -9.96
C THR B 215 -25.72 2.45 -8.44
N LYS B 216 -25.90 3.59 -7.78
CA LYS B 216 -25.92 3.66 -6.32
C LYS B 216 -27.32 4.09 -5.88
N VAL B 217 -27.91 3.32 -4.98
CA VAL B 217 -29.27 3.53 -4.52
C VAL B 217 -29.31 3.50 -2.98
N ASP B 218 -30.06 4.42 -2.39
CA ASP B 218 -30.30 4.45 -0.95
C ASP B 218 -31.80 4.42 -0.70
N LYS B 219 -32.31 3.27 -0.27
CA LYS B 219 -33.74 3.08 -0.07
C LYS B 219 -34.04 2.96 1.41
N ARG B 220 -34.86 3.87 1.93
CA ARG B 220 -35.30 3.80 3.31
C ARG B 220 -36.46 2.81 3.43
N VAL B 221 -36.48 2.06 4.53
CA VAL B 221 -37.52 1.07 4.78
C VAL B 221 -38.33 1.57 5.97
N GLU B 222 -39.62 1.77 5.77
CA GLU B 222 -40.55 2.24 6.80
C GLU B 222 -41.61 1.19 7.08
N PRO B 223 -42.12 1.11 8.31
CA PRO B 223 -43.23 0.19 8.59
C PRO B 223 -44.56 0.77 8.16
N LYS B 224 -45.35 -0.03 7.45
CA LYS B 224 -46.64 0.43 6.94
C LYS B 224 -47.68 0.57 8.04
N GLU C 1 1.12 -33.24 -15.09
CA GLU C 1 0.57 -32.58 -13.90
C GLU C 1 0.69 -33.45 -12.67
N ILE C 2 0.57 -32.81 -11.51
CA ILE C 2 0.51 -33.47 -10.21
C ILE C 2 -0.92 -33.37 -9.70
N VAL C 3 -1.55 -34.51 -9.44
CA VAL C 3 -2.94 -34.57 -9.01
C VAL C 3 -2.98 -34.47 -7.49
N LEU C 4 -3.82 -33.57 -6.99
CA LEU C 4 -3.98 -33.34 -5.56
C LEU C 4 -5.35 -33.84 -5.13
N THR C 5 -5.37 -34.93 -4.36
CA THR C 5 -6.61 -35.51 -3.85
C THR C 5 -6.75 -35.19 -2.38
N GLN C 6 -7.83 -34.50 -2.03
CA GLN C 6 -8.11 -34.13 -0.65
C GLN C 6 -9.15 -35.09 -0.07
N SER C 7 -9.03 -35.37 1.22
CA SER C 7 -9.92 -36.33 1.87
C SER C 7 -10.29 -35.83 3.25
N PRO C 8 -11.58 -35.94 3.63
CA PRO C 8 -12.68 -36.41 2.77
C PRO C 8 -13.34 -35.28 1.99
N GLY C 9 -14.35 -35.59 1.17
CA GLY C 9 -15.03 -34.53 0.44
C GLY C 9 -15.70 -33.52 1.35
N THR C 10 -16.37 -34.00 2.40
CA THR C 10 -17.02 -33.14 3.38
C THR C 10 -16.71 -33.65 4.78
N LEU C 11 -16.76 -32.73 5.76
CA LEU C 11 -16.36 -33.02 7.13
C LEU C 11 -17.29 -32.28 8.09
N SER C 12 -18.11 -33.03 8.82
CA SER C 12 -19.03 -32.49 9.81
C SER C 12 -18.54 -32.88 11.20
N LEU C 13 -18.24 -31.89 12.04
CA LEU C 13 -17.78 -32.16 13.40
C LEU C 13 -18.31 -31.09 14.33
N SER C 14 -18.50 -31.47 15.60
CA SER C 14 -18.95 -30.53 16.60
C SER C 14 -17.79 -29.63 17.07
N PRO C 15 -18.10 -28.43 17.54
CA PRO C 15 -17.04 -27.55 18.05
C PRO C 15 -16.31 -28.17 19.23
N GLY C 16 -14.99 -27.97 19.27
CA GLY C 16 -14.13 -28.52 20.28
C GLY C 16 -13.41 -29.79 19.87
N GLU C 17 -13.85 -30.45 18.80
CA GLU C 17 -13.17 -31.66 18.33
C GLU C 17 -11.95 -31.31 17.48
N ARG C 18 -11.31 -32.33 16.95
CA ARG C 18 -10.11 -32.19 16.13
C ARG C 18 -10.38 -32.73 14.73
N ALA C 19 -10.16 -31.88 13.73
CA ALA C 19 -10.38 -32.23 12.34
C ALA C 19 -9.07 -32.59 11.66
N THR C 20 -9.09 -33.66 10.85
CA THR C 20 -7.91 -34.15 10.15
C THR C 20 -8.20 -34.24 8.66
N LEU C 21 -7.50 -33.41 7.89
CA LEU C 21 -7.65 -33.31 6.44
C LEU C 21 -6.40 -33.85 5.77
N SER C 22 -6.58 -34.71 4.77
CA SER C 22 -5.47 -35.33 4.10
C SER C 22 -5.37 -34.80 2.68
N CYS C 23 -4.14 -34.55 2.22
CA CYS C 23 -3.87 -34.11 0.85
C CYS C 23 -2.81 -35.01 0.23
N ARG C 24 -3.16 -35.68 -0.87
CA ARG C 24 -2.26 -36.63 -1.51
C ARG C 24 -1.92 -36.20 -2.92
N ALA C 25 -0.66 -36.37 -3.29
CA ALA C 25 -0.12 -35.96 -4.57
C ALA C 25 0.20 -37.21 -5.37
N SER C 26 -0.02 -37.13 -6.68
CA SER C 26 0.23 -38.27 -7.56
C SER C 26 1.69 -38.70 -7.57
N GLN C 27 2.61 -37.77 -7.34
CA GLN C 27 4.02 -38.10 -7.16
C GLN C 27 4.56 -37.24 -6.03
N SER C 28 5.83 -37.45 -5.68
CA SER C 28 6.41 -36.73 -4.56
C SER C 28 6.52 -35.24 -4.86
N VAL C 29 6.32 -34.43 -3.82
CA VAL C 29 6.45 -32.97 -3.88
C VAL C 29 7.23 -32.51 -2.67
N SER C 30 8.15 -31.58 -2.89
CA SER C 30 8.98 -31.06 -1.81
C SER C 30 8.13 -30.43 -0.71
N SER C 31 8.50 -30.69 0.54
CA SER C 31 7.71 -30.23 1.67
C SER C 31 7.63 -28.70 1.72
N SER C 32 8.72 -28.01 1.40
CA SER C 32 8.81 -26.55 1.43
C SER C 32 8.09 -25.88 0.26
N TYR C 33 7.35 -26.67 -0.52
CA TYR C 33 6.57 -26.23 -1.67
C TYR C 33 5.13 -26.73 -1.63
N LEU C 34 4.59 -26.96 -0.43
CA LEU C 34 3.20 -27.30 -0.22
C LEU C 34 2.56 -26.31 0.74
N ALA C 35 1.34 -25.86 0.42
CA ALA C 35 0.68 -24.83 1.19
C ALA C 35 -0.76 -25.22 1.48
N TRP C 36 -1.27 -24.71 2.59
CA TRP C 36 -2.65 -24.87 3.02
C TRP C 36 -3.31 -23.50 3.06
N TYR C 37 -4.42 -23.35 2.35
CA TYR C 37 -5.20 -22.13 2.39
C TYR C 37 -6.57 -22.41 2.99
N GLN C 38 -7.10 -21.40 3.68
CA GLN C 38 -8.47 -21.45 4.22
C GLN C 38 -9.28 -20.38 3.51
N GLN C 39 -10.40 -20.80 2.90
CA GLN C 39 -11.29 -19.87 2.20
C GLN C 39 -12.67 -19.91 2.85
N LYS C 40 -13.08 -18.77 3.39
CA LYS C 40 -14.42 -18.56 3.92
C LYS C 40 -15.32 -18.02 2.82
N PRO C 41 -16.64 -18.17 2.97
CA PRO C 41 -17.55 -17.67 1.93
C PRO C 41 -17.40 -16.18 1.68
N GLY C 42 -17.44 -15.80 0.41
CA GLY C 42 -17.31 -14.41 0.00
C GLY C 42 -15.97 -13.79 0.33
N GLN C 43 -14.93 -14.61 0.47
CA GLN C 43 -13.62 -14.13 0.91
C GLN C 43 -12.54 -14.78 0.05
N ALA C 44 -11.41 -14.10 -0.04
CA ALA C 44 -10.26 -14.62 -0.75
C ALA C 44 -9.58 -15.74 0.04
N PRO C 45 -8.83 -16.61 -0.64
CA PRO C 45 -8.04 -17.62 0.08
C PRO C 45 -7.06 -16.92 1.00
N ARG C 46 -6.79 -17.55 2.14
CA ARG C 46 -5.91 -16.97 3.13
C ARG C 46 -4.79 -17.97 3.38
N LEU C 47 -3.54 -17.52 3.35
CA LEU C 47 -2.47 -18.49 3.53
C LEU C 47 -2.54 -18.96 4.97
N LEU C 48 -2.81 -20.26 5.13
CA LEU C 48 -2.87 -20.87 6.45
C LEU C 48 -1.49 -21.42 6.78
N ILE C 49 -0.98 -22.34 5.95
CA ILE C 49 0.28 -23.05 6.15
C ILE C 49 1.11 -22.95 4.87
N TYR C 50 2.43 -22.82 5.03
CA TYR C 50 3.37 -22.87 3.91
C TYR C 50 4.52 -23.79 4.30
N GLY C 51 5.15 -24.39 3.30
CA GLY C 51 6.24 -25.30 3.59
C GLY C 51 5.78 -26.56 4.27
N ALA C 52 4.47 -26.81 4.29
CA ALA C 52 3.80 -28.01 4.76
C ALA C 52 3.84 -28.14 6.28
N SER C 53 4.64 -27.30 6.97
CA SER C 53 4.64 -27.30 8.42
C SER C 53 4.81 -25.93 9.06
N SER C 54 4.89 -24.85 8.28
CA SER C 54 5.13 -23.52 8.83
C SER C 54 3.87 -22.68 8.77
N ARG C 55 3.52 -22.05 9.89
CA ARG C 55 2.34 -21.20 9.94
C ARG C 55 2.64 -19.80 9.41
N ALA C 56 1.73 -19.30 8.59
CA ALA C 56 1.89 -17.94 8.10
C ALA C 56 1.74 -16.97 9.28
N THR C 57 2.15 -15.73 9.07
CA THR C 57 2.13 -14.73 10.13
C THR C 57 0.73 -14.50 10.66
N GLY C 58 0.60 -14.51 11.99
CA GLY C 58 -0.66 -14.27 12.68
C GLY C 58 -1.65 -15.40 12.69
N ILE C 59 -1.24 -16.63 12.36
CA ILE C 59 -2.16 -17.75 12.28
C ILE C 59 -2.17 -18.48 13.62
N PRO C 60 -3.34 -18.79 14.18
CA PRO C 60 -3.40 -19.40 15.51
C PRO C 60 -2.78 -20.80 15.57
N ASP C 61 -2.34 -21.17 16.78
CA ASP C 61 -1.69 -22.46 17.02
C ASP C 61 -2.63 -23.65 16.84
N ARG C 62 -3.95 -23.45 16.88
CA ARG C 62 -4.83 -24.59 16.70
C ARG C 62 -4.75 -25.15 15.27
N PHE C 63 -4.12 -24.42 14.36
CA PHE C 63 -3.87 -24.88 13.00
C PHE C 63 -2.47 -25.46 12.95
N SER C 64 -2.36 -26.69 12.44
CA SER C 64 -1.09 -27.36 12.35
C SER C 64 -0.98 -28.08 11.02
N GLY C 65 0.24 -28.24 10.54
CA GLY C 65 0.47 -28.94 9.29
C GLY C 65 1.62 -29.92 9.43
N SER C 66 1.56 -30.99 8.65
CA SER C 66 2.60 -32.02 8.68
C SER C 66 2.51 -32.82 7.39
N GLY C 67 3.43 -33.77 7.25
CA GLY C 67 3.45 -34.70 6.14
C GLY C 67 4.69 -34.54 5.29
N SER C 68 4.82 -35.46 4.33
CA SER C 68 5.97 -35.51 3.43
C SER C 68 5.62 -36.40 2.25
N GLY C 69 6.55 -36.47 1.29
CA GLY C 69 6.41 -37.38 0.16
C GLY C 69 5.15 -37.17 -0.65
N THR C 70 4.21 -38.11 -0.53
CA THR C 70 2.94 -38.04 -1.28
C THR C 70 1.74 -37.90 -0.36
N ASP C 71 1.93 -37.50 0.89
CA ASP C 71 0.81 -37.38 1.83
C ASP C 71 1.05 -36.24 2.80
N PHE C 72 0.12 -35.28 2.86
CA PHE C 72 0.21 -34.16 3.77
C PHE C 72 -1.09 -34.02 4.54
N THR C 73 -0.98 -33.50 5.77
CA THR C 73 -2.10 -33.42 6.68
C THR C 73 -2.18 -32.04 7.31
N LEU C 74 -3.37 -31.44 7.26
CA LEU C 74 -3.67 -30.22 7.99
C LEU C 74 -4.61 -30.61 9.11
N THR C 75 -4.22 -30.33 10.34
CA THR C 75 -5.02 -30.68 11.51
C THR C 75 -5.51 -29.41 12.18
N ILE C 76 -6.83 -29.30 12.35
CA ILE C 76 -7.41 -28.20 13.12
C ILE C 76 -7.92 -28.72 14.46
N SER C 77 -7.09 -28.63 15.48
CA SER C 77 -7.48 -28.96 16.83
C SER C 77 -8.27 -27.81 17.44
N ARG C 78 -9.09 -28.14 18.44
CA ARG C 78 -9.96 -27.20 19.14
C ARG C 78 -10.85 -26.43 18.17
N LEU C 79 -11.64 -27.18 17.40
CA LEU C 79 -12.46 -26.60 16.35
C LEU C 79 -13.43 -25.54 16.89
N GLU C 80 -13.55 -24.43 16.17
CA GLU C 80 -14.32 -23.24 16.50
C GLU C 80 -15.39 -22.95 15.43
N PRO C 81 -16.50 -22.30 15.80
CA PRO C 81 -17.56 -22.06 14.81
C PRO C 81 -17.13 -21.26 13.60
N GLU C 82 -16.14 -20.38 13.74
CA GLU C 82 -15.62 -19.57 12.64
C GLU C 82 -14.74 -20.36 11.67
N ASP C 83 -14.42 -21.62 11.99
CA ASP C 83 -13.56 -22.42 11.12
C ASP C 83 -14.32 -23.13 10.01
N PHE C 84 -15.63 -22.92 9.91
CA PHE C 84 -16.36 -23.47 8.77
C PHE C 84 -15.87 -22.79 7.51
N ALA C 85 -15.36 -23.58 6.57
CA ALA C 85 -14.73 -23.03 5.37
C ALA C 85 -14.45 -24.20 4.42
N VAL C 86 -13.76 -23.89 3.33
CA VAL C 86 -13.16 -24.87 2.44
C VAL C 86 -11.66 -24.71 2.52
N TYR C 87 -10.95 -25.80 2.77
CA TYR C 87 -9.51 -25.76 2.97
C TYR C 87 -8.84 -26.38 1.75
N TYR C 88 -7.86 -25.67 1.19
CA TYR C 88 -7.22 -26.10 -0.04
C TYR C 88 -5.74 -26.34 0.19
N CYS C 89 -5.20 -27.35 -0.46
CA CYS C 89 -3.77 -27.59 -0.52
C CYS C 89 -3.27 -27.34 -1.94
N GLN C 90 -2.15 -26.63 -2.04
CA GLN C 90 -1.53 -26.32 -3.32
C GLN C 90 -0.05 -26.66 -3.29
N GLN C 91 0.42 -27.35 -4.32
CA GLN C 91 1.85 -27.55 -4.54
C GLN C 91 2.33 -26.52 -5.55
N TYR C 92 3.46 -25.89 -5.25
CA TYR C 92 4.05 -24.87 -6.13
C TYR C 92 5.55 -25.07 -6.26
N GLY C 93 5.97 -26.32 -6.45
CA GLY C 93 7.35 -26.68 -6.68
C GLY C 93 7.56 -27.29 -8.05
N SER C 94 6.47 -27.59 -8.74
CA SER C 94 6.52 -28.17 -10.08
C SER C 94 5.34 -27.65 -10.89
N SER C 95 5.63 -27.09 -12.05
CA SER C 95 4.59 -26.54 -12.89
C SER C 95 3.82 -27.66 -13.59
N PRO C 96 2.47 -27.58 -13.66
CA PRO C 96 1.58 -26.54 -13.13
C PRO C 96 1.38 -26.67 -11.62
N TRP C 97 1.12 -25.53 -10.96
CA TRP C 97 0.97 -25.49 -9.50
C TRP C 97 -0.46 -25.88 -9.13
N THR C 98 -0.70 -27.18 -9.06
CA THR C 98 -2.06 -27.69 -8.95
C THR C 98 -2.63 -27.49 -7.55
N PHE C 99 -3.95 -27.42 -7.48
CA PHE C 99 -4.72 -27.37 -6.25
C PHE C 99 -5.44 -28.68 -5.98
N GLY C 100 -5.74 -28.92 -4.70
CA GLY C 100 -6.67 -29.97 -4.32
C GLY C 100 -8.12 -29.57 -4.58
N GLN C 101 -9.02 -30.55 -4.48
CA GLN C 101 -10.44 -30.25 -4.66
C GLN C 101 -11.03 -29.49 -3.49
N GLY C 102 -10.33 -29.42 -2.37
CA GLY C 102 -10.88 -28.69 -1.24
C GLY C 102 -11.64 -29.63 -0.31
N THR C 103 -11.64 -29.27 0.97
CA THR C 103 -12.39 -30.01 1.97
C THR C 103 -13.36 -29.07 2.65
N LYS C 104 -14.64 -29.47 2.69
CA LYS C 104 -15.66 -28.62 3.28
C LYS C 104 -15.76 -29.01 4.75
N VAL C 105 -15.37 -28.09 5.63
CA VAL C 105 -15.45 -28.27 7.07
C VAL C 105 -16.70 -27.58 7.58
N GLU C 106 -17.64 -28.36 8.12
CA GLU C 106 -18.89 -27.81 8.63
C GLU C 106 -18.99 -28.09 10.12
N ILE C 107 -19.82 -27.31 10.80
CA ILE C 107 -19.94 -27.32 12.26
C ILE C 107 -21.26 -27.99 12.64
N LYS C 108 -21.19 -28.88 13.62
CA LYS C 108 -22.38 -29.50 14.19
C LYS C 108 -22.99 -28.60 15.26
N ARG C 109 -24.31 -28.69 15.41
CA ARG C 109 -25.06 -27.76 16.24
C ARG C 109 -26.32 -28.44 16.76
N THR C 110 -26.86 -27.89 17.84
CA THR C 110 -28.16 -28.34 18.29
C THR C 110 -29.22 -27.94 17.27
N VAL C 111 -30.30 -28.73 17.24
CA VAL C 111 -31.39 -28.50 16.29
C VAL C 111 -32.05 -27.17 16.61
N ALA C 112 -32.28 -26.35 15.57
CA ALA C 112 -32.86 -25.03 15.77
C ALA C 112 -34.05 -24.83 14.84
N ALA C 113 -35.15 -24.31 15.41
CA ALA C 113 -36.36 -24.05 14.64
C ALA C 113 -36.27 -22.71 13.91
N PRO C 114 -36.62 -22.65 12.63
CA PRO C 114 -36.57 -21.37 11.91
C PRO C 114 -37.65 -20.41 12.39
N SER C 115 -37.35 -19.12 12.29
CA SER C 115 -38.32 -18.05 12.45
C SER C 115 -38.85 -17.63 11.08
N VAL C 116 -40.17 -17.64 10.92
CA VAL C 116 -40.80 -17.47 9.60
C VAL C 116 -41.40 -16.08 9.54
N PHE C 117 -41.08 -15.35 8.47
CA PHE C 117 -41.60 -14.01 8.21
C PHE C 117 -42.13 -13.90 6.80
N ILE C 118 -43.13 -13.04 6.60
CA ILE C 118 -43.73 -12.81 5.29
C ILE C 118 -43.74 -11.31 4.95
N PHE C 119 -43.38 -10.99 3.71
CA PHE C 119 -43.36 -9.60 3.22
C PHE C 119 -44.19 -9.52 1.95
N PRO C 120 -45.29 -8.77 1.94
CA PRO C 120 -46.02 -8.56 0.69
C PRO C 120 -45.27 -7.63 -0.24
N PRO C 121 -45.55 -7.68 -1.53
CA PRO C 121 -44.88 -6.76 -2.47
C PRO C 121 -45.21 -5.31 -2.14
N SER C 122 -44.22 -4.44 -2.33
CA SER C 122 -44.41 -3.03 -2.06
C SER C 122 -45.25 -2.38 -3.15
N ASP C 123 -45.89 -1.27 -2.80
CA ASP C 123 -46.67 -0.51 -3.78
C ASP C 123 -45.79 0.01 -4.90
N GLU C 124 -44.54 0.33 -4.59
CA GLU C 124 -43.61 0.76 -5.62
C GLU C 124 -43.40 -0.34 -6.66
N GLN C 125 -43.22 -1.59 -6.21
CA GLN C 125 -43.10 -2.69 -7.17
C GLN C 125 -44.43 -3.00 -7.86
N LEU C 126 -45.57 -2.81 -7.20
CA LEU C 126 -46.85 -3.03 -7.88
C LEU C 126 -47.03 -2.07 -9.04
N LYS C 127 -46.62 -0.80 -8.87
CA LYS C 127 -46.77 0.17 -9.95
C LYS C 127 -45.97 -0.23 -11.18
N SER C 128 -45.00 -1.14 -11.05
CA SER C 128 -44.21 -1.59 -12.17
C SER C 128 -44.82 -2.77 -12.91
N GLY C 129 -45.91 -3.34 -12.39
CA GLY C 129 -46.59 -4.42 -13.05
C GLY C 129 -46.15 -5.82 -12.67
N THR C 130 -45.27 -5.98 -11.69
CA THR C 130 -44.83 -7.28 -11.21
C THR C 130 -44.87 -7.30 -9.69
N ALA C 131 -45.29 -8.43 -9.11
CA ALA C 131 -45.40 -8.60 -7.66
C ALA C 131 -44.47 -9.71 -7.17
N SER C 132 -43.70 -9.43 -6.11
CA SER C 132 -42.82 -10.41 -5.47
C SER C 132 -43.17 -10.59 -3.99
N VAL C 133 -43.46 -11.81 -3.59
CA VAL C 133 -43.71 -12.16 -2.18
C VAL C 133 -42.55 -13.00 -1.66
N VAL C 134 -42.03 -12.61 -0.49
CA VAL C 134 -40.82 -13.17 0.09
C VAL C 134 -41.18 -13.86 1.39
N CYS C 135 -40.80 -15.13 1.52
CA CYS C 135 -40.89 -15.86 2.78
C CYS C 135 -39.47 -16.07 3.26
N LEU C 136 -39.19 -15.68 4.50
CA LEU C 136 -37.84 -15.73 5.05
C LEU C 136 -37.79 -16.74 6.18
N LEU C 137 -36.86 -17.67 6.11
CA LEU C 137 -36.62 -18.63 7.20
C LEU C 137 -35.28 -18.28 7.84
N ASN C 138 -35.31 -17.90 9.11
CA ASN C 138 -34.17 -17.30 9.79
C ASN C 138 -33.62 -18.24 10.85
N ASN C 139 -32.31 -18.51 10.77
CA ASN C 139 -31.50 -19.10 11.83
C ASN C 139 -32.02 -20.48 12.25
N PHE C 140 -31.94 -21.42 11.31
CA PHE C 140 -32.35 -22.80 11.52
C PHE C 140 -31.22 -23.75 11.15
N TYR C 141 -31.18 -24.89 11.82
CA TYR C 141 -30.20 -25.92 11.50
C TYR C 141 -30.97 -27.22 11.76
N PRO C 142 -30.87 -28.24 10.88
CA PRO C 142 -30.08 -28.41 9.66
C PRO C 142 -30.58 -27.65 8.44
N ARG C 143 -29.88 -27.86 7.30
CA ARG C 143 -30.20 -27.12 6.09
C ARG C 143 -31.57 -27.51 5.56
N GLU C 144 -31.91 -28.79 5.66
CA GLU C 144 -33.12 -29.32 5.04
C GLU C 144 -34.39 -28.68 5.57
N ALA C 145 -35.04 -27.89 4.71
CA ALA C 145 -36.30 -27.25 5.03
C ALA C 145 -37.18 -27.37 3.80
N LYS C 146 -38.49 -27.23 4.01
CA LYS C 146 -39.46 -27.34 2.93
C LYS C 146 -40.35 -26.11 3.01
N VAL C 147 -40.47 -25.39 1.90
CA VAL C 147 -41.28 -24.19 1.82
C VAL C 147 -42.32 -24.40 0.74
N GLN C 148 -43.59 -24.23 1.08
CA GLN C 148 -44.68 -24.38 0.13
C GLN C 148 -45.43 -23.06 0.05
N TRP C 149 -45.63 -22.57 -1.15
CA TRP C 149 -46.42 -21.36 -1.36
C TRP C 149 -47.86 -21.74 -1.64
N LYS C 150 -48.79 -21.09 -0.96
CA LYS C 150 -50.21 -21.32 -1.16
C LYS C 150 -50.95 -20.01 -1.39
N VAL C 151 -51.69 -19.96 -2.51
CA VAL C 151 -52.50 -18.80 -2.89
C VAL C 151 -53.95 -19.24 -2.94
N ASP C 152 -54.75 -18.70 -2.03
CA ASP C 152 -56.15 -19.06 -1.85
C ASP C 152 -56.27 -20.56 -1.62
N ASN C 153 -55.42 -21.08 -0.72
CA ASN C 153 -55.39 -22.49 -0.36
C ASN C 153 -55.08 -23.38 -1.57
N ALA C 154 -54.42 -22.84 -2.59
CA ALA C 154 -54.01 -23.60 -3.76
C ALA C 154 -52.49 -23.69 -3.77
N LEU C 155 -51.98 -24.92 -3.80
CA LEU C 155 -50.54 -25.13 -3.78
C LEU C 155 -49.91 -24.66 -5.09
N GLN C 156 -48.83 -23.91 -4.98
CA GLN C 156 -48.14 -23.34 -6.13
C GLN C 156 -46.97 -24.25 -6.54
N SER C 157 -46.70 -24.29 -7.84
CA SER C 157 -45.59 -25.09 -8.34
C SER C 157 -45.04 -24.48 -9.61
N GLY C 158 -43.71 -24.38 -9.70
CA GLY C 158 -43.07 -23.86 -10.89
C GLY C 158 -42.97 -22.36 -10.96
N ASN C 159 -43.25 -21.66 -9.86
CA ASN C 159 -43.22 -20.20 -9.85
C ASN C 159 -42.53 -19.58 -8.64
N SER C 160 -41.80 -20.36 -7.85
CA SER C 160 -41.10 -19.85 -6.67
C SER C 160 -39.63 -20.27 -6.75
N GLN C 161 -38.76 -19.43 -6.19
CA GLN C 161 -37.32 -19.67 -6.20
C GLN C 161 -36.76 -19.48 -4.80
N GLU C 162 -35.94 -20.43 -4.36
CA GLU C 162 -35.36 -20.42 -3.02
C GLU C 162 -33.89 -20.04 -3.09
N SER C 163 -33.39 -19.52 -1.97
CA SER C 163 -31.98 -19.17 -1.83
C SER C 163 -31.58 -19.39 -0.38
N VAL C 164 -30.51 -20.18 -0.17
CA VAL C 164 -30.01 -20.50 1.15
CA VAL C 164 -30.01 -20.50 1.15
C VAL C 164 -28.64 -19.85 1.32
N THR C 165 -28.41 -19.24 2.49
CA THR C 165 -27.12 -18.69 2.83
C THR C 165 -26.17 -19.80 3.30
N GLU C 166 -24.90 -19.43 3.43
CA GLU C 166 -23.90 -20.32 3.98
C GLU C 166 -24.07 -20.42 5.49
N GLN C 167 -23.41 -21.41 6.10
CA GLN C 167 -23.51 -21.55 7.55
C GLN C 167 -22.92 -20.34 8.25
N ASP C 168 -23.67 -19.81 9.22
CA ASP C 168 -23.23 -18.61 9.92
C ASP C 168 -21.95 -18.90 10.70
N SER C 169 -21.05 -17.92 10.74
CA SER C 169 -19.78 -18.07 11.42
C SER C 169 -19.89 -17.99 12.94
N LYS C 170 -21.05 -17.62 13.48
CA LYS C 170 -21.21 -17.46 14.91
C LYS C 170 -22.11 -18.53 15.53
N ASP C 171 -23.33 -18.67 15.05
CA ASP C 171 -24.28 -19.64 15.60
C ASP C 171 -24.48 -20.86 14.73
N SER C 172 -23.77 -20.94 13.60
CA SER C 172 -23.76 -22.11 12.72
C SER C 172 -25.15 -22.47 12.21
N THR C 173 -25.99 -21.47 11.97
CA THR C 173 -27.33 -21.68 11.43
C THR C 173 -27.37 -21.36 9.95
N TYR C 174 -28.51 -21.65 9.35
CA TYR C 174 -28.81 -21.35 7.96
C TYR C 174 -30.01 -20.43 7.88
N SER C 175 -30.12 -19.73 6.75
CA SER C 175 -31.25 -18.86 6.48
C SER C 175 -31.70 -19.06 5.04
N LEU C 176 -33.00 -19.08 4.83
CA LEU C 176 -33.60 -19.34 3.53
C LEU C 176 -34.52 -18.18 3.16
N SER C 177 -34.53 -17.84 1.87
CA SER C 177 -35.44 -16.85 1.32
C SER C 177 -36.10 -17.46 0.10
N SER C 178 -37.43 -17.44 0.08
CA SER C 178 -38.20 -17.96 -1.03
C SER C 178 -38.98 -16.79 -1.64
N THR C 179 -38.81 -16.58 -2.94
CA THR C 179 -39.48 -15.49 -3.64
C THR C 179 -40.54 -16.04 -4.57
N LEU C 180 -41.78 -15.61 -4.37
CA LEU C 180 -42.89 -15.92 -5.25
C LEU C 180 -43.18 -14.71 -6.14
N THR C 181 -43.16 -14.94 -7.46
CA THR C 181 -43.30 -13.88 -8.45
C THR C 181 -44.59 -14.08 -9.24
N LEU C 182 -45.43 -13.05 -9.30
CA LEU C 182 -46.65 -13.08 -10.08
C LEU C 182 -46.77 -11.76 -10.85
N SER C 183 -47.72 -11.74 -11.78
CA SER C 183 -48.07 -10.51 -12.49
C SER C 183 -48.97 -9.63 -11.62
N LYS C 184 -49.12 -8.37 -12.03
CA LYS C 184 -50.08 -7.50 -11.36
C LYS C 184 -51.47 -8.12 -11.36
N ALA C 185 -51.94 -8.57 -12.52
CA ALA C 185 -53.28 -9.15 -12.61
C ALA C 185 -53.42 -10.38 -11.73
N ASP C 186 -52.51 -11.34 -11.89
CA ASP C 186 -52.58 -12.59 -11.12
C ASP C 186 -52.52 -12.32 -9.62
N TYR C 187 -51.66 -11.39 -9.21
CA TYR C 187 -51.56 -11.06 -7.79
C TYR C 187 -52.87 -10.47 -7.27
N GLU C 188 -53.49 -9.57 -8.03
CA GLU C 188 -54.71 -8.91 -7.58
C GLU C 188 -55.96 -9.79 -7.69
N LYS C 189 -55.91 -10.90 -8.42
CA LYS C 189 -57.05 -11.81 -8.47
C LYS C 189 -57.29 -12.54 -7.16
N HIS C 190 -56.28 -12.65 -6.29
CA HIS C 190 -56.38 -13.52 -5.14
C HIS C 190 -56.27 -12.69 -3.86
N LYS C 191 -56.59 -13.32 -2.73
CA LYS C 191 -56.74 -12.59 -1.47
C LYS C 191 -55.70 -12.99 -0.44
N VAL C 192 -55.63 -14.27 -0.08
CA VAL C 192 -54.82 -14.75 1.04
C VAL C 192 -53.57 -15.42 0.49
N TYR C 193 -52.41 -14.96 0.97
CA TYR C 193 -51.11 -15.49 0.60
C TYR C 193 -50.40 -16.07 1.81
N ALA C 194 -49.95 -17.32 1.69
CA ALA C 194 -49.33 -18.05 2.79
C ALA C 194 -48.14 -18.87 2.31
N CYS C 195 -47.08 -18.91 3.12
CA CYS C 195 -45.96 -19.80 2.91
CA CYS C 195 -45.96 -19.80 2.91
C CYS C 195 -45.88 -20.76 4.09
N GLU C 196 -45.70 -22.05 3.80
CA GLU C 196 -45.72 -23.10 4.80
C GLU C 196 -44.33 -23.68 4.95
N VAL C 197 -43.82 -23.72 6.18
CA VAL C 197 -42.47 -24.16 6.46
C VAL C 197 -42.56 -25.49 7.19
N THR C 198 -41.94 -26.52 6.64
CA THR C 198 -41.79 -27.82 7.28
C THR C 198 -40.31 -28.04 7.58
N HIS C 199 -40.00 -28.34 8.83
CA HIS C 199 -38.62 -28.46 9.26
C HIS C 199 -38.56 -29.41 10.45
N GLN C 200 -37.37 -29.96 10.67
CA GLN C 200 -37.18 -30.92 11.75
C GLN C 200 -37.46 -30.30 13.11
N GLY C 201 -37.09 -29.03 13.29
CA GLY C 201 -37.27 -28.34 14.55
C GLY C 201 -38.68 -27.91 14.87
N LEU C 202 -39.64 -28.20 13.99
CA LEU C 202 -41.04 -27.85 14.21
C LEU C 202 -41.87 -29.12 14.34
N SER C 203 -42.69 -29.18 15.39
CA SER C 203 -43.57 -30.33 15.60
C SER C 203 -44.58 -30.47 14.46
N SER C 204 -45.17 -29.37 14.02
CA SER C 204 -46.10 -29.32 12.91
C SER C 204 -45.68 -28.20 11.97
N PRO C 205 -46.03 -28.30 10.68
CA PRO C 205 -45.67 -27.24 9.73
C PRO C 205 -46.27 -25.90 10.15
N VAL C 206 -45.47 -24.85 10.00
CA VAL C 206 -45.86 -23.51 10.42
C VAL C 206 -46.20 -22.68 9.19
N THR C 207 -47.40 -22.12 9.17
CA THR C 207 -47.88 -21.33 8.06
C THR C 207 -47.90 -19.88 8.50
N LYS C 208 -47.30 -19.00 7.71
CA LYS C 208 -47.32 -17.57 7.96
C LYS C 208 -48.06 -16.93 6.78
N SER C 209 -49.08 -16.14 7.08
CA SER C 209 -49.98 -15.66 6.02
C SER C 209 -50.28 -14.17 6.19
N PHE C 210 -50.63 -13.54 5.07
CA PHE C 210 -51.13 -12.17 5.04
C PHE C 210 -52.28 -12.06 4.06
N ASN C 211 -53.10 -11.04 4.24
CA ASN C 211 -54.26 -10.78 3.38
C ASN C 211 -54.00 -9.53 2.53
N ARG C 212 -54.12 -9.68 1.21
CA ARG C 212 -53.81 -8.59 0.29
C ARG C 212 -54.74 -7.40 0.50
N GLY C 213 -54.16 -6.25 0.86
CA GLY C 213 -54.91 -5.05 1.13
C GLY C 213 -55.20 -4.76 2.60
N GLU C 214 -54.68 -5.58 3.52
CA GLU C 214 -54.94 -5.37 4.94
C GLU C 214 -53.66 -5.29 5.75
N GLN D 1 22.74 1.93 1.28
CA GLN D 1 23.01 1.66 2.69
C GLN D 1 23.46 2.94 3.40
N VAL D 2 23.46 4.06 2.66
CA VAL D 2 23.77 5.36 3.26
C VAL D 2 22.72 5.75 4.28
N GLN D 3 23.18 6.14 5.47
CA GLN D 3 22.36 6.59 6.58
C GLN D 3 22.89 7.87 7.21
N LEU D 4 21.99 8.83 7.38
CA LEU D 4 22.22 10.04 8.14
C LEU D 4 21.23 9.97 9.29
N VAL D 5 21.73 9.84 10.51
CA VAL D 5 20.89 9.69 11.69
C VAL D 5 21.14 10.89 12.59
N GLN D 6 20.10 11.66 12.85
CA GLN D 6 20.20 12.91 13.59
C GLN D 6 19.79 12.74 15.05
N SER D 7 20.21 13.71 15.85
CA SER D 7 19.91 13.69 17.28
C SER D 7 18.42 13.97 17.51
N GLY D 8 17.99 13.71 18.75
CA GLY D 8 16.59 13.76 19.10
C GLY D 8 16.04 15.16 19.21
N ALA D 9 14.70 15.23 19.22
CA ALA D 9 14.01 16.51 19.33
C ALA D 9 14.36 17.15 20.67
N GLU D 10 14.47 18.47 20.68
CA GLU D 10 14.87 19.17 21.88
C GLU D 10 14.01 20.42 22.07
N VAL D 11 13.91 20.88 23.32
CA VAL D 11 13.35 22.19 23.64
C VAL D 11 14.47 23.05 24.22
N LYS D 12 14.55 24.30 23.78
CA LYS D 12 15.56 25.22 24.28
C LYS D 12 14.92 26.57 24.60
N LYS D 13 15.39 27.20 25.69
CA LYS D 13 14.86 28.51 26.05
C LYS D 13 15.34 29.56 25.05
N PRO D 14 14.57 30.64 24.88
CA PRO D 14 15.03 31.74 24.02
C PRO D 14 16.34 32.34 24.50
N GLY D 15 17.17 32.74 23.55
CA GLY D 15 18.48 33.28 23.84
C GLY D 15 19.56 32.25 24.06
N ALA D 16 19.20 30.97 24.17
CA ALA D 16 20.15 29.89 24.36
C ALA D 16 20.65 29.40 23.02
N SER D 17 21.32 28.25 23.03
CA SER D 17 21.86 27.66 21.81
C SER D 17 21.55 26.17 21.77
N VAL D 18 21.54 25.62 20.56
CA VAL D 18 21.28 24.21 20.34
C VAL D 18 22.34 23.67 19.39
N LYS D 19 22.76 22.42 19.62
CA LYS D 19 23.73 21.73 18.77
C LYS D 19 23.06 20.45 18.28
N VAL D 20 22.82 20.38 16.97
CA VAL D 20 22.21 19.22 16.34
C VAL D 20 23.31 18.39 15.69
N SER D 21 23.28 17.09 15.92
CA SER D 21 24.26 16.19 15.33
C SER D 21 23.67 15.42 14.17
N CYS D 22 24.56 14.85 13.35
CA CYS D 22 24.16 14.08 12.18
C CYS D 22 25.26 13.03 11.96
N LYS D 23 24.97 11.79 12.34
CA LYS D 23 25.94 10.71 12.23
C LYS D 23 25.75 10.01 10.89
N ALA D 24 26.85 9.88 10.15
CA ALA D 24 26.87 9.33 8.80
C ALA D 24 27.45 7.92 8.79
N SER D 25 26.82 7.03 8.03
CA SER D 25 27.31 5.67 7.89
C SER D 25 27.03 5.17 6.48
N GLY D 26 27.78 4.12 6.09
CA GLY D 26 27.60 3.50 4.79
C GLY D 26 28.39 4.11 3.65
N TYR D 27 29.24 5.08 3.91
CA TYR D 27 30.04 5.67 2.84
C TYR D 27 31.26 6.32 3.45
N THR D 28 32.23 6.66 2.59
CA THR D 28 33.43 7.34 3.05
C THR D 28 33.07 8.74 3.48
N PHE D 29 33.12 8.98 4.80
CA PHE D 29 32.58 10.20 5.38
C PHE D 29 33.22 11.45 4.78
N THR D 30 34.53 11.43 4.61
CA THR D 30 35.26 12.63 4.20
C THR D 30 35.14 12.95 2.71
N SER D 31 34.45 12.11 1.93
CA SER D 31 34.37 12.29 0.49
C SER D 31 33.26 13.25 0.06
N TYR D 32 32.39 13.68 0.95
CA TYR D 32 31.21 14.45 0.57
C TYR D 32 31.05 15.71 1.41
N TYR D 33 30.42 16.72 0.81
CA TYR D 33 29.98 17.88 1.56
C TYR D 33 28.72 17.52 2.33
N MET D 34 28.46 18.28 3.38
CA MET D 34 27.26 18.07 4.18
C MET D 34 26.54 19.40 4.26
N HIS D 35 25.26 19.43 3.90
CA HIS D 35 24.48 20.66 3.99
C HIS D 35 23.47 20.58 5.12
N TRP D 36 23.02 21.75 5.57
CA TRP D 36 21.99 21.84 6.58
C TRP D 36 20.82 22.65 6.06
N VAL D 37 19.61 22.10 6.20
CA VAL D 37 18.39 22.72 5.72
C VAL D 37 17.35 22.63 6.83
N ARG D 38 16.68 23.76 7.12
CA ARG D 38 15.69 23.78 8.19
C ARG D 38 14.32 24.12 7.62
N GLN D 39 13.28 23.64 8.31
CA GLN D 39 11.90 23.85 7.89
C GLN D 39 11.07 24.21 9.11
N ALA D 40 10.60 25.45 9.16
CA ALA D 40 9.64 25.84 10.19
C ALA D 40 8.30 25.15 9.96
N PRO D 41 7.56 24.84 11.04
CA PRO D 41 6.30 24.08 10.89
C PRO D 41 5.33 24.78 9.95
N GLY D 42 4.90 24.05 8.92
CA GLY D 42 4.01 24.54 7.89
C GLY D 42 4.61 25.51 6.88
N GLN D 43 5.90 25.81 6.97
CA GLN D 43 6.57 26.74 6.06
C GLN D 43 7.39 25.95 5.04
N GLY D 44 8.16 26.68 4.24
CA GLY D 44 9.01 26.10 3.24
C GLY D 44 10.38 25.75 3.79
N LEU D 45 11.29 25.42 2.87
CA LEU D 45 12.63 24.98 3.19
C LEU D 45 13.62 26.12 3.07
N GLU D 46 14.58 26.17 3.99
CA GLU D 46 15.58 27.23 4.04
C GLU D 46 16.97 26.61 4.15
N TRP D 47 17.86 27.04 3.27
CA TRP D 47 19.24 26.57 3.27
C TRP D 47 20.05 27.37 4.28
N MET D 48 20.79 26.66 5.12
CA MET D 48 21.58 27.30 6.16
C MET D 48 23.05 27.43 5.79
N GLY D 49 23.67 26.37 5.29
CA GLY D 49 25.08 26.43 4.97
C GLY D 49 25.62 25.07 4.60
N ILE D 50 26.91 25.05 4.32
CA ILE D 50 27.61 23.87 3.79
C ILE D 50 28.93 23.72 4.53
N ILE D 51 29.31 22.47 4.79
CA ILE D 51 30.59 22.16 5.43
C ILE D 51 31.30 21.07 4.64
N ASN D 52 32.61 21.24 4.48
CA ASN D 52 33.46 20.22 3.87
C ASN D 52 33.81 19.17 4.92
N SER D 53 33.35 17.93 4.72
CA SER D 53 33.62 16.89 5.70
C SER D 53 35.09 16.54 5.81
N SER D 54 35.90 16.90 4.82
CA SER D 54 37.31 16.58 4.87
C SER D 54 38.09 17.58 5.72
N GLY D 55 38.10 18.84 5.32
CA GLY D 55 38.93 19.83 5.99
C GLY D 55 38.18 20.70 6.98
N GLY D 56 36.85 20.58 7.00
CA GLY D 56 36.05 21.35 7.93
C GLY D 56 35.78 22.78 7.54
N SER D 57 36.15 23.18 6.33
CA SER D 57 35.79 24.52 5.87
C SER D 57 34.28 24.65 5.72
N THR D 58 33.77 25.84 5.99
CA THR D 58 32.34 26.07 5.99
C THR D 58 32.02 27.33 5.20
N SER D 59 30.77 27.40 4.76
CA SER D 59 30.20 28.61 4.18
C SER D 59 28.75 28.65 4.60
N TYR D 60 28.33 29.76 5.18
CA TYR D 60 27.00 29.91 5.78
C TYR D 60 26.19 30.92 4.98
N ALA D 61 24.86 30.77 5.02
CA ALA D 61 24.01 31.78 4.45
C ALA D 61 24.11 33.07 5.25
N GLN D 62 23.88 34.19 4.57
CA GLN D 62 24.11 35.49 5.18
C GLN D 62 23.26 35.68 6.42
N LYS D 63 21.98 35.30 6.35
CA LYS D 63 21.05 35.53 7.44
C LYS D 63 21.38 34.72 8.69
N PHE D 64 22.26 33.72 8.60
CA PHE D 64 22.71 32.96 9.74
C PHE D 64 24.17 33.25 10.09
N GLN D 65 24.85 34.11 9.34
CA GLN D 65 26.24 34.41 9.63
C GLN D 65 26.39 35.03 11.01
N GLY D 66 27.40 34.56 11.75
CA GLY D 66 27.64 34.98 13.11
C GLY D 66 26.80 34.28 14.15
N ARG D 67 25.79 33.51 13.73
CA ARG D 67 24.87 32.82 14.62
C ARG D 67 24.96 31.30 14.53
N VAL D 68 25.46 30.75 13.43
CA VAL D 68 25.52 29.31 13.22
C VAL D 68 26.99 28.91 13.11
N THR D 69 27.33 27.78 13.73
CA THR D 69 28.65 27.19 13.55
C THR D 69 28.49 25.74 13.13
N MET D 70 29.16 25.35 12.04
CA MET D 70 29.12 23.99 11.51
C MET D 70 30.47 23.33 11.76
N THR D 71 30.46 22.15 12.35
CA THR D 71 31.66 21.39 12.66
C THR D 71 31.50 19.96 12.14
N ARG D 72 32.63 19.24 12.12
CA ARG D 72 32.64 17.84 11.75
C ARG D 72 33.69 17.11 12.59
N ASP D 73 33.36 15.87 12.94
CA ASP D 73 34.25 14.95 13.65
C ASP D 73 34.44 13.72 12.78
N THR D 74 35.64 13.57 12.22
CA THR D 74 35.90 12.43 11.34
C THR D 74 36.01 11.12 12.12
N SER D 75 36.38 11.18 13.39
CA SER D 75 36.49 9.96 14.18
C SER D 75 35.14 9.26 14.35
N THR D 76 34.08 10.04 14.56
CA THR D 76 32.73 9.50 14.70
C THR D 76 31.86 9.70 13.48
N SER D 77 32.41 10.23 12.38
CA SER D 77 31.66 10.46 11.14
C SER D 77 30.40 11.27 11.41
N THR D 78 30.55 12.33 12.19
CA THR D 78 29.41 13.11 12.65
C THR D 78 29.60 14.57 12.26
N VAL D 79 28.50 15.20 11.84
CA VAL D 79 28.46 16.61 11.52
C VAL D 79 27.55 17.29 12.52
N TYR D 80 27.98 18.45 13.00
CA TYR D 80 27.26 19.20 14.00
C TYR D 80 26.90 20.56 13.43
N MET D 81 25.67 20.97 13.71
CA MET D 81 25.18 22.32 13.42
C MET D 81 24.80 22.96 14.73
N GLU D 82 25.45 24.07 15.08
CA GLU D 82 25.16 24.79 16.31
C GLU D 82 24.59 26.16 15.99
N LEU D 83 23.40 26.44 16.54
CA LEU D 83 22.72 27.71 16.37
C LEU D 83 22.53 28.38 17.72
N SER D 84 22.96 29.64 17.84
CA SER D 84 22.92 30.37 19.10
C SER D 84 21.89 31.49 19.05
N SER D 85 21.66 32.10 20.21
CA SER D 85 20.70 33.21 20.36
C SER D 85 19.35 32.84 19.76
N LEU D 86 18.82 31.71 20.24
CA LEU D 86 17.64 31.12 19.64
C LEU D 86 16.43 32.02 19.87
N ARG D 87 15.69 32.29 18.82
CA ARG D 87 14.41 33.01 18.85
C ARG D 87 13.25 32.10 18.46
N SER D 88 12.03 32.65 18.53
CA SER D 88 10.86 31.84 18.19
C SER D 88 10.86 31.43 16.73
N GLU D 89 11.41 32.29 15.84
CA GLU D 89 11.48 31.93 14.42
C GLU D 89 12.43 30.77 14.17
N ASP D 90 13.31 30.45 15.12
CA ASP D 90 14.23 29.36 14.92
C ASP D 90 13.62 28.00 15.25
N THR D 91 12.39 27.97 15.75
CA THR D 91 11.68 26.71 15.99
C THR D 91 11.40 26.04 14.64
N ALA D 92 12.03 24.90 14.40
CA ALA D 92 11.95 24.28 13.08
C ALA D 92 12.50 22.86 13.15
N VAL D 93 12.27 22.11 12.08
CA VAL D 93 12.92 20.83 11.88
C VAL D 93 14.20 21.06 11.10
N TYR D 94 15.31 20.61 11.65
CA TYR D 94 16.62 20.81 11.02
C TYR D 94 17.06 19.49 10.38
N TYR D 95 17.56 19.59 9.16
CA TYR D 95 17.92 18.45 8.34
C TYR D 95 19.37 18.57 7.90
N CYS D 96 20.10 17.47 7.95
CA CYS D 96 21.35 17.36 7.22
C CYS D 96 21.09 16.68 5.88
N ALA D 97 21.60 17.25 4.80
CA ALA D 97 21.38 16.73 3.46
C ALA D 97 22.73 16.56 2.76
N ARG D 98 22.86 15.50 1.98
CA ARG D 98 24.11 15.19 1.31
C ARG D 98 23.92 15.18 -0.21
N PRO D 99 24.65 16.01 -0.94
CA PRO D 99 24.65 15.89 -2.39
C PRO D 99 25.80 15.03 -2.86
N PRO D 100 25.82 14.65 -4.15
CA PRO D 100 26.94 13.87 -4.67
C PRO D 100 28.21 14.68 -4.78
N ARG D 101 29.27 14.07 -5.29
CA ARG D 101 30.53 14.78 -5.44
C ARG D 101 30.47 15.70 -6.65
N ASN D 102 31.26 16.75 -6.59
CA ASN D 102 31.48 17.60 -7.74
C ASN D 102 32.46 16.93 -8.69
N TYR D 103 32.56 17.47 -9.90
CA TYR D 103 33.36 16.83 -10.93
C TYR D 103 33.88 17.89 -11.89
N TYR D 104 34.84 17.48 -12.72
CA TYR D 104 35.39 18.31 -13.78
C TYR D 104 34.88 17.80 -15.13
N ASP D 105 34.45 18.72 -15.99
CA ASP D 105 34.01 18.33 -17.32
C ASP D 105 35.21 18.22 -18.26
N ARG D 106 34.94 17.93 -19.54
CA ARG D 106 36.02 17.69 -20.49
C ARG D 106 36.92 18.90 -20.62
N SER D 107 36.39 20.09 -20.40
CA SER D 107 37.15 21.33 -20.56
C SER D 107 37.92 21.74 -19.32
N GLY D 108 37.87 20.94 -18.26
CA GLY D 108 38.59 21.28 -17.05
C GLY D 108 37.87 22.20 -16.11
N TYR D 109 36.58 22.47 -16.34
CA TYR D 109 35.82 23.38 -15.51
C TYR D 109 35.22 22.62 -14.33
N TYR D 110 35.34 23.20 -13.13
CA TYR D 110 34.76 22.59 -11.94
C TYR D 110 33.24 22.71 -11.96
N GLN D 111 32.54 21.59 -11.84
CA GLN D 111 31.09 21.55 -11.88
C GLN D 111 30.52 21.07 -10.56
N ARG D 112 29.60 21.85 -10.00
CA ARG D 112 28.93 21.51 -8.77
C ARG D 112 27.65 20.74 -9.04
N ALA D 113 27.28 19.88 -8.10
CA ALA D 113 26.16 18.96 -8.22
C ALA D 113 25.33 18.99 -6.93
N GLU D 114 24.96 20.19 -6.50
CA GLU D 114 24.31 20.39 -5.20
C GLU D 114 22.81 20.11 -5.31
N TYR D 115 22.48 18.85 -5.56
CA TYR D 115 21.14 18.31 -5.39
C TYR D 115 21.19 17.22 -4.31
N PHE D 116 20.28 17.31 -3.34
CA PHE D 116 20.39 16.53 -2.11
C PHE D 116 19.79 15.14 -2.30
N GLN D 117 20.65 14.14 -2.47
CA GLN D 117 20.23 12.75 -2.64
C GLN D 117 19.98 12.01 -1.35
N HIS D 118 20.53 12.46 -0.23
CA HIS D 118 20.28 11.81 1.05
C HIS D 118 19.92 12.83 2.12
N TRP D 119 19.04 12.43 3.03
CA TRP D 119 18.57 13.27 4.11
C TRP D 119 18.57 12.48 5.41
N GLY D 120 18.79 13.20 6.50
CA GLY D 120 18.51 12.65 7.80
C GLY D 120 17.03 12.68 8.10
N GLN D 121 16.65 12.04 9.19
CA GLN D 121 15.24 12.02 9.56
C GLN D 121 14.76 13.36 10.09
N GLY D 122 15.67 14.29 10.33
CA GLY D 122 15.31 15.60 10.83
C GLY D 122 15.28 15.66 12.35
N THR D 123 15.44 16.87 12.86
CA THR D 123 15.43 17.12 14.30
C THR D 123 14.54 18.32 14.59
N LEU D 124 13.47 18.10 15.35
CA LEU D 124 12.58 19.18 15.74
C LEU D 124 13.18 19.92 16.94
N VAL D 125 13.43 21.21 16.74
CA VAL D 125 13.94 22.08 17.79
C VAL D 125 12.85 23.09 18.13
N THR D 126 12.38 23.05 19.38
CA THR D 126 11.34 23.96 19.84
C THR D 126 11.97 25.01 20.74
N VAL D 127 11.79 26.28 20.40
CA VAL D 127 12.32 27.39 21.18
C VAL D 127 11.17 27.95 22.01
N SER D 128 11.18 27.64 23.31
CA SER D 128 10.10 28.07 24.18
C SER D 128 10.59 28.08 25.62
N SER D 129 9.91 28.90 26.44
CA SER D 129 10.22 28.95 27.86
C SER D 129 9.53 27.83 28.63
N ALA D 130 8.55 27.17 28.02
CA ALA D 130 7.80 26.13 28.72
C ALA D 130 8.69 24.94 29.05
N SER D 131 8.41 24.31 30.18
CA SER D 131 9.19 23.17 30.63
C SER D 131 8.69 21.87 29.99
N THR D 132 9.63 20.93 29.84
CA THR D 132 9.29 19.63 29.28
C THR D 132 8.34 18.89 30.22
N LYS D 133 7.33 18.25 29.65
CA LYS D 133 6.39 17.47 30.45
C LYS D 133 6.12 16.18 29.69
N GLY D 134 6.14 15.06 30.40
CA GLY D 134 5.80 13.77 29.85
C GLY D 134 4.31 13.61 29.73
N PRO D 135 3.86 12.79 28.79
CA PRO D 135 2.41 12.67 28.56
C PRO D 135 1.74 11.67 29.49
N SER D 136 0.42 11.73 29.51
CA SER D 136 -0.43 10.72 30.12
C SER D 136 -1.19 10.01 29.01
N VAL D 137 -1.24 8.69 29.10
CA VAL D 137 -1.87 7.85 28.09
C VAL D 137 -3.15 7.28 28.66
N PHE D 138 -4.26 7.51 27.96
CA PHE D 138 -5.54 7.02 28.40
C PHE D 138 -6.16 6.15 27.31
N PRO D 139 -6.91 5.11 27.68
CA PRO D 139 -7.52 4.23 26.68
C PRO D 139 -8.78 4.82 26.09
N LEU D 140 -8.99 4.56 24.80
CA LEU D 140 -10.26 4.83 24.15
C LEU D 140 -10.87 3.47 23.81
N ALA D 141 -11.73 2.97 24.70
CA ALA D 141 -12.17 1.59 24.58
C ALA D 141 -13.16 1.44 23.42
N PRO D 142 -13.19 0.26 22.78
CA PRO D 142 -14.08 0.05 21.63
C PRO D 142 -15.54 -0.12 22.00
N SER D 143 -16.37 -0.48 21.00
CA SER D 143 -17.82 -0.62 21.13
C SER D 143 -18.28 -1.26 22.44
N GLY D 150 -18.75 -6.71 11.59
CA GLY D 150 -18.53 -5.30 11.33
C GLY D 150 -17.14 -4.84 11.69
N THR D 151 -17.00 -3.53 11.92
CA THR D 151 -15.72 -2.92 12.24
C THR D 151 -15.86 -2.10 13.51
N ALA D 152 -14.97 -2.33 14.47
CA ALA D 152 -14.88 -1.53 15.69
C ALA D 152 -13.65 -0.64 15.61
N ALA D 153 -13.56 0.31 16.54
CA ALA D 153 -12.43 1.23 16.59
C ALA D 153 -12.02 1.42 18.04
N LEU D 154 -10.71 1.44 18.26
CA LEU D 154 -10.11 1.66 19.57
C LEU D 154 -8.97 2.65 19.38
N GLY D 155 -8.36 3.06 20.48
CA GLY D 155 -7.24 3.96 20.36
C GLY D 155 -6.67 4.33 21.70
N CYS D 156 -5.74 5.28 21.66
CA CYS D 156 -5.05 5.79 22.82
C CYS D 156 -5.05 7.32 22.74
N LEU D 157 -5.32 7.97 23.87
CA LEU D 157 -5.26 9.42 23.94
C LEU D 157 -4.02 9.83 24.71
N VAL D 158 -3.14 10.57 24.05
CA VAL D 158 -1.87 11.03 24.62
C VAL D 158 -2.02 12.52 24.91
N LYS D 159 -2.03 12.87 26.20
CA LYS D 159 -2.46 14.20 26.62
C LYS D 159 -1.42 14.85 27.52
N ASP D 160 -1.36 16.19 27.44
CA ASP D 160 -0.60 17.02 28.37
C ASP D 160 0.90 16.67 28.35
N TYR D 161 1.51 16.93 27.19
CA TYR D 161 2.95 16.76 27.04
C TYR D 161 3.55 17.98 26.35
N PHE D 162 4.87 18.13 26.49
CA PHE D 162 5.59 19.21 25.86
C PHE D 162 7.08 18.88 25.87
N PRO D 163 7.81 19.14 24.78
CA PRO D 163 7.29 19.63 23.51
C PRO D 163 6.97 18.50 22.54
N GLU D 164 6.66 18.84 21.30
CA GLU D 164 6.48 17.83 20.27
C GLU D 164 7.83 17.19 19.92
N PRO D 165 7.82 15.95 19.41
CA PRO D 165 6.68 15.07 19.17
C PRO D 165 6.60 13.87 20.10
N VAL D 166 5.55 13.07 19.92
CA VAL D 166 5.46 11.72 20.46
C VAL D 166 5.25 10.77 19.29
N THR D 167 5.63 9.51 19.51
CA THR D 167 5.46 8.46 18.53
C THR D 167 4.56 7.39 19.12
N VAL D 168 3.56 6.95 18.37
CA VAL D 168 2.65 5.92 18.84
C VAL D 168 2.73 4.76 17.86
N SER D 169 3.06 3.59 18.38
CA SER D 169 2.97 2.34 17.64
C SER D 169 1.93 1.44 18.30
N TRP D 170 1.50 0.42 17.58
CA TRP D 170 0.47 -0.49 18.05
C TRP D 170 1.00 -1.92 17.99
N ASN D 171 0.88 -2.63 19.11
CA ASN D 171 1.38 -4.00 19.24
C ASN D 171 2.86 -4.09 18.89
N SER D 172 3.63 -3.10 19.35
CA SER D 172 5.06 -3.02 19.09
C SER D 172 5.38 -3.06 17.59
N GLY D 173 4.56 -2.37 16.80
CA GLY D 173 4.75 -2.30 15.36
C GLY D 173 4.08 -3.40 14.57
N ALA D 174 3.52 -4.41 15.22
CA ALA D 174 2.87 -5.51 14.49
C ALA D 174 1.62 -5.05 13.76
N LEU D 175 0.95 -4.01 14.25
CA LEU D 175 -0.30 -3.51 13.70
C LEU D 175 -0.06 -2.16 13.00
N THR D 176 -0.31 -2.12 11.70
CA THR D 176 -0.15 -0.91 10.91
C THR D 176 -1.40 -0.58 10.10
N SER D 177 -2.15 -1.60 9.70
CA SER D 177 -3.34 -1.40 8.87
C SER D 177 -4.44 -0.73 9.67
N GLY D 178 -5.11 0.23 9.04
CA GLY D 178 -6.19 0.95 9.69
C GLY D 178 -5.76 1.88 10.81
N VAL D 179 -4.47 2.23 10.90
CA VAL D 179 -4.00 3.08 11.97
C VAL D 179 -3.97 4.53 11.51
N HIS D 180 -4.54 5.41 12.33
CA HIS D 180 -4.52 6.85 12.11
C HIS D 180 -3.98 7.50 13.38
N THR D 181 -2.81 8.11 13.30
CA THR D 181 -2.27 8.92 14.39
C THR D 181 -2.47 10.38 14.00
N PHE D 182 -3.37 11.04 14.72
CA PHE D 182 -3.74 12.39 14.33
C PHE D 182 -2.67 13.40 14.74
N PRO D 183 -2.54 14.49 13.98
CA PRO D 183 -1.63 15.55 14.39
C PRO D 183 -2.01 16.10 15.76
N ALA D 184 -1.00 16.46 16.54
CA ALA D 184 -1.23 17.00 17.86
C ALA D 184 -1.91 18.37 17.77
N VAL D 185 -2.60 18.73 18.84
CA VAL D 185 -3.20 20.05 18.97
C VAL D 185 -2.60 20.71 20.20
N LEU D 186 -2.32 22.01 20.10
CA LEU D 186 -1.82 22.77 21.24
C LEU D 186 -3.02 23.22 22.08
N GLN D 187 -3.16 22.65 23.27
CA GLN D 187 -4.27 23.01 24.13
C GLN D 187 -4.09 24.41 24.73
N SER D 188 -5.17 24.93 25.31
CA SER D 188 -5.16 26.26 25.91
C SER D 188 -4.23 26.33 27.12
N SER D 189 -3.82 25.18 27.64
CA SER D 189 -2.91 25.12 28.78
C SER D 189 -1.46 25.15 28.36
N GLY D 190 -1.18 25.30 27.06
CA GLY D 190 0.17 25.28 26.55
C GLY D 190 0.78 23.91 26.37
N LEU D 191 0.01 22.86 26.61
CA LEU D 191 0.47 21.49 26.47
C LEU D 191 -0.15 20.84 25.24
N TYR D 192 0.57 19.92 24.64
CA TYR D 192 0.11 19.28 23.41
C TYR D 192 -0.70 18.03 23.74
N SER D 193 -1.55 17.65 22.80
CA SER D 193 -2.37 16.46 22.98
C SER D 193 -2.73 15.91 21.61
N LEU D 194 -2.62 14.60 21.45
CA LEU D 194 -3.04 13.92 20.23
C LEU D 194 -3.71 12.60 20.59
N SER D 195 -4.32 11.96 19.59
CA SER D 195 -4.91 10.64 19.74
C SER D 195 -4.50 9.76 18.57
N SER D 196 -4.28 8.49 18.84
CA SER D 196 -3.98 7.50 17.81
C SER D 196 -5.05 6.42 17.85
N VAL D 197 -5.76 6.23 16.73
CA VAL D 197 -6.84 5.28 16.67
C VAL D 197 -6.53 4.23 15.60
N VAL D 198 -7.21 3.10 15.71
CA VAL D 198 -7.10 2.02 14.73
C VAL D 198 -8.41 1.24 14.70
N THR D 199 -8.87 0.92 13.50
CA THR D 199 -10.05 0.09 13.31
C THR D 199 -9.67 -1.36 13.09
N VAL D 200 -10.39 -2.26 13.76
CA VAL D 200 -10.12 -3.70 13.71
C VAL D 200 -11.43 -4.43 13.48
N PRO D 201 -11.39 -5.67 13.00
CA PRO D 201 -12.60 -6.51 13.00
C PRO D 201 -13.16 -6.70 14.41
N SER D 202 -14.49 -6.72 14.49
CA SER D 202 -15.17 -6.88 15.77
C SER D 202 -14.88 -8.24 16.40
N SER D 203 -14.84 -9.30 15.60
CA SER D 203 -14.62 -10.64 16.14
C SER D 203 -13.30 -10.76 16.86
N SER D 204 -12.31 -9.93 16.50
CA SER D 204 -10.99 -9.94 17.11
C SER D 204 -10.96 -9.26 18.47
N LEU D 205 -12.08 -8.66 18.91
CA LEU D 205 -12.10 -7.94 20.17
C LEU D 205 -11.81 -8.86 21.35
N GLY D 206 -12.40 -10.06 21.34
CA GLY D 206 -12.23 -11.04 22.40
C GLY D 206 -11.04 -11.98 22.27
N THR D 207 -10.30 -11.90 21.17
CA THR D 207 -9.19 -12.81 20.91
C THR D 207 -7.83 -12.12 20.92
N GLN D 208 -7.66 -11.08 20.11
CA GLN D 208 -6.35 -10.42 19.97
C GLN D 208 -6.20 -9.33 21.02
N THR D 209 -5.00 -9.25 21.60
CA THR D 209 -4.70 -8.23 22.58
C THR D 209 -4.13 -7.01 21.90
N TYR D 210 -4.60 -5.83 22.33
CA TYR D 210 -4.20 -4.56 21.73
C TYR D 210 -3.50 -3.68 22.75
N ILE D 211 -2.26 -3.32 22.48
CA ILE D 211 -1.48 -2.46 23.37
C ILE D 211 -0.86 -1.35 22.53
N CYS D 212 -0.97 -0.11 23.00
CA CYS D 212 -0.34 1.02 22.33
C CYS D 212 0.93 1.40 23.09
N ASN D 213 2.02 1.60 22.34
CA ASN D 213 3.31 2.00 22.88
C ASN D 213 3.57 3.44 22.46
N VAL D 214 3.70 4.31 23.46
CA VAL D 214 3.86 5.75 23.28
C VAL D 214 5.25 6.12 23.77
N ASN D 215 5.99 6.86 22.94
CA ASN D 215 7.35 7.28 23.24
C ASN D 215 7.41 8.79 23.09
N HIS D 216 7.69 9.47 24.18
CA HIS D 216 8.01 10.89 24.18
C HIS D 216 9.48 10.97 24.55
N LYS D 217 10.33 10.98 23.52
CA LYS D 217 11.78 11.02 23.75
C LYS D 217 12.24 12.26 24.51
N PRO D 218 11.78 13.48 24.22
CA PRO D 218 12.31 14.64 24.95
C PRO D 218 12.13 14.56 26.46
N SER D 219 11.35 13.62 26.98
CA SER D 219 11.23 13.41 28.42
C SER D 219 11.57 11.97 28.81
N ASN D 220 12.08 11.16 27.88
CA ASN D 220 12.44 9.76 28.14
C ASN D 220 11.25 8.97 28.68
N THR D 221 10.06 9.24 28.16
CA THR D 221 8.83 8.60 28.59
C THR D 221 8.44 7.50 27.62
N LYS D 222 8.37 6.27 28.11
CA LYS D 222 7.87 5.12 27.35
C LYS D 222 6.72 4.53 28.15
N VAL D 223 5.55 4.45 27.52
CA VAL D 223 4.35 3.95 28.17
C VAL D 223 3.72 2.90 27.27
N ASP D 224 3.41 1.74 27.85
CA ASP D 224 2.63 0.70 27.19
C ASP D 224 1.26 0.64 27.83
N LYS D 225 0.21 0.88 27.03
CA LYS D 225 -1.16 0.92 27.53
C LYS D 225 -2.00 -0.14 26.84
N ARG D 226 -2.51 -1.09 27.61
CA ARG D 226 -3.45 -2.06 27.10
C ARG D 226 -4.85 -1.44 27.11
N VAL D 227 -5.55 -1.52 26.00
CA VAL D 227 -6.90 -0.99 25.89
C VAL D 227 -7.85 -2.16 25.61
N GLU D 228 -8.85 -2.32 26.48
CA GLU D 228 -9.79 -3.42 26.34
C GLU D 228 -11.21 -2.90 26.36
N PRO D 229 -12.14 -3.61 25.74
CA PRO D 229 -13.55 -3.17 25.77
C PRO D 229 -14.08 -3.09 27.20
N LYS D 230 -14.91 -2.09 27.46
CA LYS D 230 -15.42 -1.85 28.80
C LYS D 230 -16.44 -2.91 29.18
N SER D 231 -16.38 -3.35 30.43
CA SER D 231 -17.29 -4.37 30.95
C SER D 231 -18.01 -3.88 32.20
N ASP E 1 19.85 37.53 -3.04
CA ASP E 1 19.47 36.14 -3.26
C ASP E 1 18.59 36.00 -4.49
N ILE E 2 18.50 34.79 -5.03
CA ILE E 2 17.65 34.47 -6.16
C ILE E 2 16.35 33.91 -5.59
N GLN E 3 15.21 34.50 -5.94
CA GLN E 3 13.91 34.05 -5.43
C GLN E 3 13.24 33.18 -6.46
N LEU E 4 12.68 32.06 -5.99
CA LEU E 4 11.99 31.08 -6.82
C LEU E 4 10.52 31.11 -6.49
N THR E 5 9.72 31.57 -7.43
CA THR E 5 8.27 31.65 -7.26
C THR E 5 7.63 30.43 -7.89
N GLN E 6 6.90 29.67 -7.08
CA GLN E 6 6.25 28.45 -7.51
C GLN E 6 4.76 28.71 -7.72
N SER E 7 4.19 28.03 -8.70
CA SER E 7 2.78 28.20 -9.01
C SER E 7 2.21 26.89 -9.55
N PRO E 8 1.00 26.50 -9.13
CA PRO E 8 0.22 27.22 -8.11
C PRO E 8 0.66 26.88 -6.68
N SER E 9 0.19 27.63 -5.68
CA SER E 9 0.51 27.30 -4.28
C SER E 9 0.00 25.91 -3.92
N SER E 10 -1.21 25.60 -4.36
CA SER E 10 -1.78 24.29 -4.18
C SER E 10 -2.72 23.98 -5.34
N LEU E 11 -2.98 22.69 -5.52
CA LEU E 11 -3.86 22.24 -6.60
C LEU E 11 -4.36 20.83 -6.31
N SER E 12 -5.42 20.46 -7.01
CA SER E 12 -6.02 19.13 -6.89
C SER E 12 -6.35 18.59 -8.29
N ALA E 13 -6.22 17.27 -8.43
CA ALA E 13 -6.53 16.60 -9.69
C ALA E 13 -6.83 15.14 -9.41
N SER E 14 -7.55 14.50 -10.34
CA SER E 14 -7.97 13.12 -10.18
C SER E 14 -6.87 12.15 -10.62
N VAL E 15 -7.08 10.88 -10.29
CA VAL E 15 -6.12 9.84 -10.66
C VAL E 15 -6.11 9.70 -12.18
N GLY E 16 -4.91 9.71 -12.76
CA GLY E 16 -4.73 9.51 -14.17
C GLY E 16 -4.49 10.78 -14.95
N ASP E 17 -4.79 11.94 -14.37
CA ASP E 17 -4.62 13.16 -15.12
C ASP E 17 -3.16 13.57 -15.16
N ARG E 18 -2.86 14.51 -16.06
CA ARG E 18 -1.53 15.07 -16.20
C ARG E 18 -1.48 16.38 -15.42
N VAL E 19 -0.41 16.55 -14.64
CA VAL E 19 -0.24 17.72 -13.79
C VAL E 19 1.08 18.40 -14.16
N THR E 20 1.05 19.72 -14.31
CA THR E 20 2.22 20.51 -14.67
C THR E 20 2.29 21.73 -13.77
N ILE E 21 3.29 21.79 -12.90
CA ILE E 21 3.52 22.94 -12.03
C ILE E 21 4.77 23.65 -12.51
N THR E 22 4.91 24.91 -12.11
CA THR E 22 5.95 25.77 -12.67
C THR E 22 6.74 26.43 -11.56
N CYS E 23 7.99 26.76 -11.88
CA CYS E 23 8.91 27.45 -10.98
C CYS E 23 9.64 28.51 -11.79
N GLN E 24 9.56 29.76 -11.34
CA GLN E 24 10.17 30.88 -12.04
C GLN E 24 11.22 31.52 -11.14
N ALA E 25 12.39 31.77 -11.70
CA ALA E 25 13.49 32.33 -10.92
C ALA E 25 13.59 33.83 -11.18
N SER E 26 14.03 34.56 -10.16
CA SER E 26 14.17 36.00 -10.28
C SER E 26 15.24 36.37 -11.31
N GLN E 27 16.33 35.62 -11.33
CA GLN E 27 17.42 35.87 -12.27
C GLN E 27 17.70 34.62 -13.11
N ASP E 28 18.74 34.69 -13.94
CA ASP E 28 19.15 33.53 -14.74
C ASP E 28 19.87 32.52 -13.85
N ILE E 29 19.40 31.26 -13.89
CA ILE E 29 20.02 30.23 -13.08
C ILE E 29 20.40 29.03 -13.94
N SER E 30 20.50 29.25 -15.25
CA SER E 30 20.89 28.21 -16.21
C SER E 30 19.92 27.04 -16.06
N ASN E 31 20.39 25.80 -15.96
CA ASN E 31 19.54 24.64 -15.73
C ASN E 31 19.76 24.00 -14.37
N TYR E 32 20.36 24.73 -13.42
CA TYR E 32 20.71 24.17 -12.11
C TYR E 32 19.50 24.32 -11.17
N LEU E 33 18.46 23.54 -11.48
CA LEU E 33 17.21 23.58 -10.76
C LEU E 33 16.77 22.14 -10.48
N ASN E 34 16.36 21.87 -9.24
CA ASN E 34 16.00 20.52 -8.80
C ASN E 34 14.60 20.52 -8.23
N TRP E 35 13.96 19.35 -8.28
CA TRP E 35 12.58 19.16 -7.82
C TRP E 35 12.54 18.06 -6.75
N TYR E 36 12.01 18.41 -5.58
CA TYR E 36 11.84 17.48 -4.47
C TYR E 36 10.36 17.27 -4.20
N GLN E 37 10.04 16.07 -3.75
CA GLN E 37 8.70 15.73 -3.32
C GLN E 37 8.78 15.42 -1.84
N GLN E 38 7.99 16.12 -1.03
CA GLN E 38 7.98 15.91 0.41
C GLN E 38 6.62 15.36 0.78
N ARG E 39 6.57 14.09 1.11
CA ARG E 39 5.37 13.52 1.67
C ARG E 39 5.20 14.01 3.11
N PRO E 40 3.97 13.98 3.62
CA PRO E 40 3.71 14.53 4.96
C PRO E 40 4.56 13.89 6.05
N GLY E 41 5.27 14.75 6.77
CA GLY E 41 6.07 14.40 7.93
C GLY E 41 7.43 13.80 7.67
N LYS E 42 7.84 13.64 6.41
CA LYS E 42 9.13 13.04 6.11
C LYS E 42 10.02 14.09 5.45
N ALA E 43 11.29 13.72 5.29
CA ALA E 43 12.22 14.60 4.60
C ALA E 43 11.93 14.62 3.10
N PRO E 44 12.25 15.74 2.43
CA PRO E 44 12.09 15.80 0.98
C PRO E 44 12.91 14.74 0.28
N LYS E 45 12.35 14.21 -0.80
CA LYS E 45 12.99 13.17 -1.59
C LYS E 45 13.21 13.74 -2.99
N LEU E 46 14.45 13.67 -3.47
CA LEU E 46 14.79 14.21 -4.79
C LEU E 46 14.14 13.37 -5.88
N LEU E 47 13.43 14.04 -6.79
CA LEU E 47 12.89 13.38 -7.99
C LEU E 47 13.55 13.80 -9.28
N ILE E 48 13.81 15.08 -9.48
CA ILE E 48 14.40 15.58 -10.71
C ILE E 48 15.58 16.46 -10.33
N TYR E 49 16.71 16.29 -11.01
CA TYR E 49 17.88 17.13 -10.80
C TYR E 49 18.33 17.74 -12.11
N ASP E 50 18.87 18.96 -12.03
CA ASP E 50 19.30 19.72 -13.20
C ASP E 50 18.16 19.91 -14.19
N ALA E 51 16.95 20.01 -13.64
CA ALA E 51 15.75 20.50 -14.32
C ALA E 51 15.18 19.52 -15.32
N SER E 52 15.91 18.46 -15.66
CA SER E 52 15.35 17.45 -16.55
C SER E 52 15.72 16.02 -16.20
N ASN E 53 16.72 15.77 -15.38
CA ASN E 53 17.22 14.41 -15.18
C ASN E 53 16.45 13.71 -14.08
N LEU E 54 15.94 12.53 -14.41
CA LEU E 54 15.19 11.73 -13.47
C LEU E 54 16.17 11.05 -12.52
N GLU E 55 15.95 11.22 -11.22
CA GLU E 55 16.79 10.56 -10.24
C GLU E 55 16.60 9.05 -10.30
N THR E 56 17.69 8.32 -10.10
CA THR E 56 17.65 6.88 -10.19
C THR E 56 16.65 6.33 -9.20
N GLY E 57 15.79 5.42 -9.65
CA GLY E 57 14.75 4.84 -8.84
C GLY E 57 13.41 5.55 -8.95
N VAL E 58 13.37 6.76 -9.52
CA VAL E 58 12.14 7.54 -9.69
C VAL E 58 11.34 6.96 -10.86
N PRO E 59 10.03 6.80 -10.71
CA PRO E 59 9.22 6.30 -11.84
C PRO E 59 9.24 7.26 -13.01
N SER E 60 9.08 6.69 -14.22
CA SER E 60 9.16 7.47 -15.46
C SER E 60 8.03 8.48 -15.62
N ARG E 61 6.99 8.41 -14.80
CA ARG E 61 5.86 9.33 -14.91
C ARG E 61 6.25 10.77 -14.56
N PHE E 62 7.39 10.96 -13.92
CA PHE E 62 7.85 12.29 -13.56
C PHE E 62 8.77 12.83 -14.63
N SER E 63 8.68 14.14 -14.87
CA SER E 63 9.54 14.77 -15.87
C SER E 63 9.69 16.24 -15.52
N GLY E 64 10.67 16.87 -16.14
CA GLY E 64 10.91 18.29 -15.93
C GLY E 64 11.56 18.91 -17.13
N SER E 65 11.44 20.23 -17.22
CA SER E 65 11.99 20.97 -18.34
C SER E 65 12.27 22.40 -17.91
N GLY E 66 13.16 23.05 -18.63
CA GLY E 66 13.43 24.46 -18.43
C GLY E 66 14.91 24.77 -18.49
N SER E 67 15.21 26.04 -18.80
CA SER E 67 16.56 26.56 -18.73
C SER E 67 16.48 28.08 -18.76
N GLY E 68 17.20 28.74 -17.85
CA GLY E 68 17.09 30.17 -17.76
C GLY E 68 16.34 30.63 -16.53
N THR E 69 15.07 30.96 -16.73
CA THR E 69 14.20 31.50 -15.69
C THR E 69 12.94 30.69 -15.45
N ASP E 70 12.36 30.07 -16.46
CA ASP E 70 11.10 29.34 -16.34
C ASP E 70 11.35 27.84 -16.36
N PHE E 71 10.72 27.12 -15.42
CA PHE E 71 10.85 25.67 -15.33
C PHE E 71 9.49 25.05 -15.04
N THR E 72 9.31 23.81 -15.52
CA THR E 72 8.07 23.07 -15.34
C THR E 72 8.37 21.67 -14.84
N PHE E 73 7.44 21.13 -14.04
CA PHE E 73 7.54 19.80 -13.49
C PHE E 73 6.22 19.09 -13.76
N THR E 74 6.28 17.87 -14.30
CA THR E 74 5.08 17.21 -14.82
C THR E 74 4.98 15.77 -14.34
N ILE E 75 3.78 15.40 -13.89
CA ILE E 75 3.41 14.01 -13.62
C ILE E 75 2.43 13.56 -14.71
N SER E 76 2.77 12.47 -15.38
CA SER E 76 1.97 12.03 -16.53
C SER E 76 0.69 11.34 -16.07
N SER E 77 0.82 10.21 -15.37
CA SER E 77 -0.34 9.48 -14.84
C SER E 77 -0.32 9.68 -13.33
N LEU E 78 -1.21 10.54 -12.84
CA LEU E 78 -1.28 10.80 -11.40
C LEU E 78 -1.62 9.53 -10.65
N GLN E 79 -0.93 9.33 -9.54
CA GLN E 79 -1.01 8.09 -8.79
C GLN E 79 -1.33 8.39 -7.34
N PRO E 80 -1.99 7.46 -6.64
CA PRO E 80 -2.41 7.76 -5.26
C PRO E 80 -1.27 8.17 -4.36
N GLU E 81 -0.10 7.57 -4.49
CA GLU E 81 1.03 7.87 -3.61
C GLU E 81 1.82 9.09 -4.04
N ASP E 82 1.36 9.84 -5.03
CA ASP E 82 2.01 11.08 -5.43
C ASP E 82 1.59 12.27 -4.56
N ILE E 83 0.72 12.05 -3.58
CA ILE E 83 0.28 13.08 -2.64
C ILE E 83 1.45 13.60 -1.81
N ALA E 84 1.79 14.87 -2.02
CA ALA E 84 2.94 15.49 -1.37
C ALA E 84 2.93 16.98 -1.68
N THR E 85 3.92 17.68 -1.14
CA THR E 85 4.20 19.06 -1.49
C THR E 85 5.52 19.06 -2.25
N TYR E 86 5.53 19.77 -3.38
CA TYR E 86 6.67 19.75 -4.30
C TYR E 86 7.39 21.09 -4.25
N TYR E 87 8.72 21.03 -4.16
CA TYR E 87 9.58 22.21 -4.04
C TYR E 87 10.61 22.20 -5.16
N CYS E 88 10.86 23.38 -5.74
CA CYS E 88 11.99 23.56 -6.62
C CYS E 88 13.14 24.18 -5.84
N GLN E 89 14.36 23.93 -6.29
CA GLN E 89 15.55 24.40 -5.58
C GLN E 89 16.68 24.63 -6.57
N GLN E 90 17.27 25.81 -6.52
CA GLN E 90 18.36 26.19 -7.41
C GLN E 90 19.71 26.13 -6.69
N TYR E 91 20.77 25.87 -7.47
CA TYR E 91 22.12 25.96 -6.94
C TYR E 91 23.06 26.67 -7.91
N ASP E 92 22.51 27.52 -8.78
CA ASP E 92 23.34 28.32 -9.68
C ASP E 92 24.19 29.32 -8.91
N ASN E 93 23.69 29.83 -7.78
CA ASN E 93 24.42 30.81 -7.03
C ASN E 93 24.07 30.78 -5.56
N PRO E 94 25.06 30.80 -4.67
CA PRO E 94 24.76 30.80 -3.25
C PRO E 94 24.15 32.13 -2.85
N PRO E 95 23.29 32.15 -1.81
CA PRO E 95 22.90 30.95 -1.07
C PRO E 95 21.87 30.12 -1.83
N LEU E 96 21.87 28.82 -1.58
CA LEU E 96 20.87 27.96 -2.20
C LEU E 96 19.50 28.38 -1.69
N THR E 97 18.52 28.37 -2.59
CA THR E 97 17.18 28.81 -2.27
C THR E 97 16.18 27.79 -2.78
N PHE E 98 15.03 27.73 -2.11
CA PHE E 98 13.95 26.84 -2.48
C PHE E 98 12.74 27.65 -2.92
N GLY E 99 11.84 26.99 -3.65
CA GLY E 99 10.58 27.62 -3.98
C GLY E 99 9.62 27.58 -2.81
N GLY E 100 8.50 28.28 -3.00
CA GLY E 100 7.50 28.33 -1.96
C GLY E 100 6.76 27.02 -1.77
N GLY E 101 6.80 26.14 -2.75
CA GLY E 101 6.13 24.87 -2.61
C GLY E 101 4.83 24.82 -3.39
N THR E 102 4.38 23.60 -3.65
CA THR E 102 3.14 23.37 -4.36
C THR E 102 2.48 22.14 -3.75
N LYS E 103 1.38 22.35 -3.04
CA LYS E 103 0.67 21.26 -2.38
C LYS E 103 -0.27 20.63 -3.40
N LEU E 104 -0.06 19.36 -3.70
CA LEU E 104 -0.84 18.63 -4.67
C LEU E 104 -1.83 17.74 -3.95
N GLU E 105 -3.11 17.86 -4.31
CA GLU E 105 -4.16 17.05 -3.71
C GLU E 105 -4.83 16.17 -4.76
N ILE E 106 -5.48 15.09 -4.32
CA ILE E 106 -6.08 14.09 -5.19
C ILE E 106 -7.59 14.09 -5.04
N LYS E 107 -8.30 14.19 -6.16
CA LYS E 107 -9.76 14.04 -6.20
C LYS E 107 -10.18 12.57 -6.29
N ARG E 108 -11.25 12.21 -5.58
CA ARG E 108 -11.81 10.86 -5.68
C ARG E 108 -13.31 10.92 -5.44
N THR E 109 -13.94 9.74 -5.45
CA THR E 109 -15.38 9.66 -5.22
C THR E 109 -15.69 10.00 -3.77
N VAL E 110 -16.89 10.54 -3.55
CA VAL E 110 -17.34 10.90 -2.21
C VAL E 110 -17.51 9.65 -1.35
N ALA E 111 -16.91 9.68 -0.15
CA ALA E 111 -17.01 8.58 0.81
C ALA E 111 -17.50 9.16 2.13
N ALA E 112 -18.52 8.52 2.71
CA ALA E 112 -19.07 8.98 3.98
C ALA E 112 -18.16 8.59 5.15
N PRO E 113 -18.08 9.44 6.16
CA PRO E 113 -17.27 9.08 7.34
C PRO E 113 -17.93 8.01 8.18
N SER E 114 -17.09 7.27 8.91
CA SER E 114 -17.54 6.36 9.97
C SER E 114 -17.31 7.01 11.33
N VAL E 115 -18.36 7.13 12.12
CA VAL E 115 -18.35 7.94 13.33
C VAL E 115 -18.36 7.05 14.56
N PHE E 116 -17.40 7.29 15.44
CA PHE E 116 -17.28 6.60 16.72
C PHE E 116 -17.15 7.66 17.80
N ILE E 117 -17.64 7.36 18.99
CA ILE E 117 -17.57 8.29 20.11
C ILE E 117 -16.97 7.53 21.28
N PHE E 118 -16.15 8.22 22.07
CA PHE E 118 -15.39 7.59 23.14
C PHE E 118 -15.61 8.36 24.42
N PRO E 119 -16.24 7.76 25.41
CA PRO E 119 -16.40 8.41 26.71
C PRO E 119 -15.05 8.52 27.39
N PRO E 120 -14.91 9.41 28.36
CA PRO E 120 -13.64 9.52 29.07
C PRO E 120 -13.34 8.24 29.83
N SER E 121 -12.05 7.91 29.88
CA SER E 121 -11.60 6.77 30.66
C SER E 121 -11.80 7.05 32.15
N ASP E 122 -12.05 5.98 32.91
CA ASP E 122 -12.14 6.14 34.36
C ASP E 122 -10.82 6.63 34.93
N GLU E 123 -9.70 6.18 34.35
CA GLU E 123 -8.39 6.63 34.79
C GLU E 123 -8.23 8.14 34.62
N GLN E 124 -8.66 8.68 33.50
CA GLN E 124 -8.61 10.13 33.32
C GLN E 124 -9.59 10.86 34.24
N LEU E 125 -10.73 10.24 34.55
CA LEU E 125 -11.67 10.86 35.49
C LEU E 125 -11.06 11.03 36.87
N LYS E 126 -10.15 10.12 37.23
CA LYS E 126 -9.41 10.23 38.49
C LYS E 126 -8.62 11.52 38.57
N SER E 127 -8.07 11.98 37.43
CA SER E 127 -7.25 13.19 37.39
C SER E 127 -8.09 14.47 37.50
N GLY E 128 -9.40 14.38 37.41
CA GLY E 128 -10.26 15.56 37.48
C GLY E 128 -10.56 16.22 36.15
N THR E 129 -10.33 15.54 35.03
CA THR E 129 -10.62 16.05 33.70
C THR E 129 -11.27 14.95 32.87
N ALA E 130 -12.20 15.33 32.00
CA ALA E 130 -12.88 14.40 31.11
C ALA E 130 -12.64 14.83 29.67
N SER E 131 -12.19 13.89 28.84
CA SER E 131 -12.01 14.11 27.42
C SER E 131 -12.92 13.16 26.66
N VAL E 132 -13.85 13.72 25.88
CA VAL E 132 -14.70 12.93 25.00
C VAL E 132 -14.16 13.06 23.58
N VAL E 133 -14.02 11.94 22.89
CA VAL E 133 -13.39 11.90 21.58
C VAL E 133 -14.40 11.41 20.57
N CYS E 134 -14.56 12.16 19.48
CA CYS E 134 -15.39 11.78 18.35
C CYS E 134 -14.48 11.58 17.15
N LEU E 135 -14.58 10.42 16.51
CA LEU E 135 -13.69 10.03 15.42
C LEU E 135 -14.48 9.88 14.12
N LEU E 136 -14.01 10.54 13.08
CA LEU E 136 -14.53 10.40 11.72
C LEU E 136 -13.46 9.70 10.89
N ASN E 137 -13.80 8.56 10.29
CA ASN E 137 -12.83 7.72 9.63
C ASN E 137 -13.08 7.64 8.13
N ASN E 138 -12.02 7.88 7.35
CA ASN E 138 -11.93 7.52 5.93
C ASN E 138 -13.07 8.15 5.11
N PHE E 139 -13.03 9.48 5.05
CA PHE E 139 -14.02 10.24 4.29
C PHE E 139 -13.36 11.15 3.27
N TYR E 140 -14.17 11.58 2.30
CA TYR E 140 -13.82 12.53 1.24
C TYR E 140 -15.13 13.17 0.81
N PRO E 141 -15.17 14.50 0.62
CA PRO E 141 -14.06 15.43 0.71
C PRO E 141 -13.60 15.79 2.13
N ARG E 142 -12.64 16.71 2.21
CA ARG E 142 -12.04 17.05 3.50
C ARG E 142 -13.04 17.72 4.42
N GLU E 143 -13.86 18.61 3.89
CA GLU E 143 -14.76 19.42 4.69
C GLU E 143 -15.80 18.57 5.40
N ALA E 144 -15.97 18.84 6.70
CA ALA E 144 -16.95 18.18 7.52
C ALA E 144 -17.24 19.09 8.70
N LYS E 145 -18.43 18.93 9.28
CA LYS E 145 -18.86 19.72 10.42
C LYS E 145 -19.09 18.78 11.60
N VAL E 146 -18.33 18.96 12.67
CA VAL E 146 -18.49 18.19 13.88
C VAL E 146 -19.04 19.10 14.97
N GLN E 147 -20.20 18.74 15.50
CA GLN E 147 -20.91 19.54 16.49
C GLN E 147 -21.14 18.72 17.75
N TRP E 148 -20.63 19.21 18.88
CA TRP E 148 -20.82 18.55 20.16
C TRP E 148 -22.13 19.01 20.80
N LYS E 149 -22.88 18.07 21.35
CA LYS E 149 -24.11 18.35 22.06
C LYS E 149 -24.08 17.65 23.41
N VAL E 150 -24.27 18.40 24.48
CA VAL E 150 -24.29 17.87 25.82
C VAL E 150 -25.69 18.12 26.38
N ASP E 151 -26.44 17.05 26.61
CA ASP E 151 -27.85 17.14 26.98
C ASP E 151 -28.60 18.02 26.00
N ASN E 152 -28.28 17.85 24.71
CA ASN E 152 -28.82 18.57 23.57
C ASN E 152 -28.39 20.02 23.54
N ALA E 153 -27.51 20.46 24.44
CA ALA E 153 -27.00 21.82 24.45
C ALA E 153 -25.76 21.90 23.56
N LEU E 154 -25.81 22.77 22.56
CA LEU E 154 -24.71 22.91 21.61
C LEU E 154 -23.50 23.51 22.29
N GLN E 155 -22.34 22.90 22.09
CA GLN E 155 -21.12 23.31 22.76
C GLN E 155 -20.18 24.00 21.77
N SER E 156 -19.60 25.12 22.22
CA SER E 156 -18.54 25.79 21.48
C SER E 156 -17.54 26.34 22.48
N GLY E 157 -16.28 26.41 22.04
CA GLY E 157 -15.20 26.93 22.85
C GLY E 157 -14.48 25.91 23.70
N ASN E 158 -14.95 24.66 23.74
CA ASN E 158 -14.35 23.64 24.59
C ASN E 158 -14.01 22.37 23.82
N SER E 159 -13.69 22.49 22.53
CA SER E 159 -13.31 21.32 21.73
C SER E 159 -12.22 21.74 20.73
N GLN E 160 -11.43 20.76 20.31
CA GLN E 160 -10.36 21.00 19.35
C GLN E 160 -10.34 19.88 18.31
N GLU E 161 -10.03 20.26 17.07
CA GLU E 161 -10.06 19.34 15.93
C GLU E 161 -8.66 19.11 15.37
N SER E 162 -8.45 17.93 14.83
CA SER E 162 -7.20 17.58 14.18
C SER E 162 -7.50 16.66 12.99
N VAL E 163 -6.96 17.00 11.82
CA VAL E 163 -7.24 16.26 10.60
C VAL E 163 -5.94 15.66 10.07
N THR E 164 -5.98 14.38 9.72
CA THR E 164 -4.86 13.71 9.06
C THR E 164 -4.66 14.22 7.64
N GLU E 165 -3.45 14.01 7.12
CA GLU E 165 -3.20 14.23 5.71
C GLU E 165 -3.90 13.16 4.88
N GLN E 166 -4.03 13.44 3.59
CA GLN E 166 -4.71 12.51 2.70
C GLN E 166 -3.98 11.17 2.67
N ASP E 167 -4.73 10.08 2.83
CA ASP E 167 -4.10 8.77 2.84
C ASP E 167 -3.54 8.48 1.45
N SER E 168 -2.33 7.90 1.44
CA SER E 168 -1.65 7.64 0.18
C SER E 168 -2.31 6.54 -0.63
N LYS E 169 -3.13 5.69 0.00
CA LYS E 169 -3.75 4.56 -0.68
C LYS E 169 -5.14 4.89 -1.19
N ASP E 170 -6.07 5.21 -0.29
CA ASP E 170 -7.47 5.41 -0.65
C ASP E 170 -7.85 6.88 -0.79
N SER E 171 -6.90 7.79 -0.62
CA SER E 171 -7.11 9.23 -0.82
C SER E 171 -8.19 9.81 0.09
N THR E 172 -8.45 9.18 1.24
CA THR E 172 -9.43 9.68 2.19
C THR E 172 -8.75 10.33 3.39
N TYR E 173 -9.54 11.08 4.16
CA TYR E 173 -9.09 11.75 5.37
C TYR E 173 -9.75 11.14 6.59
N SER E 174 -9.17 11.45 7.75
CA SER E 174 -9.74 11.10 9.05
C SER E 174 -9.65 12.31 9.97
N LEU E 175 -10.58 12.39 10.91
CA LEU E 175 -10.70 13.57 11.77
C LEU E 175 -10.99 13.13 13.19
N SER E 176 -10.42 13.84 14.15
CA SER E 176 -10.71 13.58 15.55
C SER E 176 -11.04 14.89 16.23
N SER E 177 -12.15 14.91 16.97
CA SER E 177 -12.57 16.05 17.77
C SER E 177 -12.60 15.64 19.23
N THR E 178 -11.98 16.45 20.09
CA THR E 178 -11.92 16.17 21.51
C THR E 178 -12.65 17.27 22.28
N LEU E 179 -13.67 16.88 23.04
CA LEU E 179 -14.41 17.78 23.91
C LEU E 179 -13.91 17.61 25.34
N THR E 180 -13.42 18.69 25.94
CA THR E 180 -12.80 18.62 27.25
C THR E 180 -13.61 19.37 28.31
N LEU E 181 -13.94 18.68 29.40
CA LEU E 181 -14.63 19.26 30.54
C LEU E 181 -13.94 18.82 31.82
N SER E 182 -14.23 19.54 32.90
CA SER E 182 -13.88 19.09 34.24
C SER E 182 -14.80 17.94 34.66
N LYS E 183 -14.33 17.17 35.64
CA LYS E 183 -15.15 16.08 36.15
C LYS E 183 -16.44 16.61 36.75
N ALA E 184 -16.38 17.74 37.46
CA ALA E 184 -17.59 18.32 38.03
C ALA E 184 -18.60 18.62 36.93
N ASP E 185 -18.15 19.31 35.87
CA ASP E 185 -19.06 19.61 34.76
C ASP E 185 -19.47 18.34 34.02
N TYR E 186 -18.56 17.37 33.89
CA TYR E 186 -18.88 16.13 33.19
C TYR E 186 -19.97 15.34 33.91
N GLU E 187 -19.89 15.25 35.24
CA GLU E 187 -20.88 14.49 35.99
C GLU E 187 -22.23 15.19 36.04
N LYS E 188 -22.27 16.48 35.73
CA LYS E 188 -23.52 17.24 35.81
C LYS E 188 -24.51 16.88 34.72
N HIS E 189 -24.07 16.20 33.65
CA HIS E 189 -24.90 15.98 32.47
C HIS E 189 -24.96 14.50 32.15
N LYS E 190 -25.90 14.13 31.28
CA LYS E 190 -26.18 12.74 30.97
C LYS E 190 -25.84 12.37 29.52
N VAL E 191 -26.40 13.06 28.55
CA VAL E 191 -26.28 12.66 27.15
C VAL E 191 -25.13 13.42 26.50
N TYR E 192 -24.16 12.68 25.96
CA TYR E 192 -23.05 13.27 25.22
C TYR E 192 -23.09 12.75 23.79
N ALA E 193 -23.15 13.68 22.83
CA ALA E 193 -23.34 13.34 21.43
C ALA E 193 -22.43 14.21 20.58
N CYS E 194 -21.97 13.65 19.46
CA CYS E 194 -21.32 14.43 18.42
C CYS E 194 -22.09 14.25 17.11
N GLU E 195 -22.35 15.36 16.45
CA GLU E 195 -23.12 15.38 15.21
C GLU E 195 -22.20 15.77 14.06
N VAL E 196 -22.31 15.00 12.98
CA VAL E 196 -21.40 15.09 11.84
C VAL E 196 -22.22 15.46 10.61
N THR E 197 -21.80 16.53 9.93
CA THR E 197 -22.38 16.93 8.65
C THR E 197 -21.33 16.77 7.56
N HIS E 198 -21.70 16.04 6.51
CA HIS E 198 -20.76 15.76 5.44
C HIS E 198 -21.50 15.61 4.12
N GLN E 199 -20.76 15.83 3.03
CA GLN E 199 -21.32 15.68 1.69
C GLN E 199 -21.73 14.25 1.41
N GLY E 200 -21.09 13.29 2.05
CA GLY E 200 -21.43 11.90 1.85
C GLY E 200 -22.59 11.40 2.66
N LEU E 201 -23.24 12.27 3.41
CA LEU E 201 -24.39 11.90 4.24
C LEU E 201 -25.59 12.73 3.81
N SER E 202 -26.69 12.05 3.52
CA SER E 202 -27.93 12.76 3.20
C SER E 202 -28.41 13.55 4.40
N SER E 203 -28.35 12.95 5.59
CA SER E 203 -28.71 13.59 6.84
C SER E 203 -27.55 13.48 7.82
N PRO E 204 -27.43 14.43 8.75
CA PRO E 204 -26.36 14.36 9.75
C PRO E 204 -26.47 13.09 10.59
N VAL E 205 -25.31 12.55 10.98
CA VAL E 205 -25.25 11.31 11.73
C VAL E 205 -24.77 11.62 13.14
N THR E 206 -25.54 11.18 14.13
CA THR E 206 -25.25 11.44 15.54
C THR E 206 -24.90 10.14 16.25
N LYS E 207 -23.79 10.16 16.99
CA LYS E 207 -23.38 9.08 17.87
C LYS E 207 -23.28 9.62 19.29
N SER E 208 -23.93 8.93 20.23
CA SER E 208 -24.09 9.44 21.58
C SER E 208 -23.92 8.33 22.60
N PHE E 209 -23.73 8.73 23.85
CA PHE E 209 -23.76 7.80 24.96
C PHE E 209 -24.28 8.53 26.19
N ASN E 210 -24.81 7.77 27.14
CA ASN E 210 -25.23 8.30 28.43
C ASN E 210 -24.16 7.98 29.47
N ARG E 211 -23.86 8.96 30.31
CA ARG E 211 -22.76 8.82 31.26
C ARG E 211 -22.96 7.62 32.18
N GLY E 212 -24.20 7.25 32.45
CA GLY E 212 -24.48 6.10 33.31
C GLY E 212 -23.90 4.79 32.79
C1 NAG F . 39.82 5.46 -32.26
C2 NAG F . 40.81 6.46 -31.65
C3 NAG F . 40.49 7.88 -32.11
C4 NAG F . 40.40 7.96 -33.62
C5 NAG F . 39.42 6.92 -34.15
C6 NAG F . 39.33 6.87 -35.65
C7 NAG F . 41.92 6.37 -29.44
C8 NAG F . 41.72 6.26 -27.97
N2 NAG F . 40.81 6.38 -30.20
O3 NAG F . 41.50 8.78 -31.63
O4 NAG F . 40.01 9.26 -34.04
O5 NAG F . 39.81 5.61 -33.70
O6 NAG F . 40.26 5.97 -36.23
O7 NAG F . 43.05 6.43 -29.95
C1 EDO G . 26.25 12.45 -10.15
O1 EDO G . 25.72 11.72 -11.27
C2 EDO G . 27.57 13.12 -10.52
O2 EDO G . 28.36 13.38 -9.34
C1 EDO H . 42.47 3.63 -7.18
O1 EDO H . 41.81 2.68 -8.03
C2 EDO H . 41.84 5.02 -7.35
O2 EDO H . 40.44 5.00 -7.01
S SO4 I . 11.26 3.25 -28.49
O1 SO4 I . 10.93 2.10 -27.65
O2 SO4 I . 11.84 4.32 -27.68
O3 SO4 I . 12.23 2.87 -29.52
O4 SO4 I . 10.04 3.75 -29.11
S SO4 J . 19.12 -12.34 -32.43
O1 SO4 J . 17.68 -12.54 -32.23
O2 SO4 J . 19.81 -12.47 -31.14
O3 SO4 J . 19.66 -13.36 -33.32
O4 SO4 J . 19.37 -11.03 -33.02
S SO4 K . 21.13 -5.47 -37.44
O1 SO4 K . 20.47 -6.58 -36.76
O2 SO4 K . 20.95 -4.24 -36.67
O3 SO4 K . 22.56 -5.75 -37.54
O4 SO4 K . 20.54 -5.32 -38.77
S SO4 L . 35.74 6.27 -29.68
O1 SO4 L . 35.70 4.87 -30.09
O2 SO4 L . 35.06 6.44 -28.40
O3 SO4 L . 37.14 6.68 -29.56
O4 SO4 L . 35.06 7.11 -30.67
S SO4 M . 27.97 -10.06 -32.62
O1 SO4 M . 27.16 -11.24 -32.94
O2 SO4 M . 28.03 -9.90 -31.18
O3 SO4 M . 29.32 -10.24 -33.13
O4 SO4 M . 27.36 -8.88 -33.23
S SO4 N . 47.13 20.01 -24.75
O1 SO4 N . 48.10 19.09 -24.14
O2 SO4 N . 46.23 20.52 -23.73
O3 SO4 N . 46.35 19.31 -25.78
O4 SO4 N . 47.85 21.11 -25.36
S SO4 O . 10.04 -1.51 -5.33
O1 SO4 O . 8.81 -2.30 -5.23
O2 SO4 O . 10.38 -0.97 -4.01
O3 SO4 O . 11.13 -2.37 -5.80
O4 SO4 O . 9.83 -0.42 -6.28
C1 EDO P . 30.16 1.75 7.76
O1 EDO P . 29.15 1.94 8.77
C2 EDO P . 30.65 3.12 7.28
O2 EDO P . 31.25 3.82 8.38
S SO4 Q . 36.33 16.76 -5.04
O1 SO4 Q . 35.73 18.01 -4.59
O2 SO4 Q . 35.83 15.64 -4.22
O3 SO4 Q . 37.79 16.84 -4.92
O4 SO4 Q . 35.97 16.53 -6.44
S SO4 R . 40.47 19.76 12.68
O1 SO4 R . 39.59 18.78 13.31
O2 SO4 R . 41.42 20.26 13.68
O3 SO4 R . 41.23 19.12 11.60
O4 SO4 R . 39.70 20.88 12.14
S SO4 S . 18.43 8.31 2.46
O1 SO4 S . 17.30 7.39 2.60
O2 SO4 S . 18.86 8.76 3.79
O3 SO4 S . 19.54 7.61 1.83
O4 SO4 S . 18.03 9.47 1.66
C1 EDO T . -7.13 15.56 19.42
O1 EDO T . -8.14 15.99 18.49
C2 EDO T . -6.19 14.54 18.77
O2 EDO T . -5.52 15.07 17.62
C1 EDO U . -3.49 29.92 -6.37
O1 EDO U . -2.14 30.17 -6.78
C2 EDO U . -3.76 28.42 -6.37
O2 EDO U . -2.88 27.76 -5.46
S SO4 V . -26.11 9.93 37.97
O1 SO4 V . -25.01 10.43 38.80
O2 SO4 V . -26.97 9.08 38.79
O3 SO4 V . -25.58 9.15 36.86
O4 SO4 V . -26.88 11.06 37.46
#